data_6RO1
#
_entry.id   6RO1
#
_cell.length_a   184.365
_cell.length_b   184.365
_cell.length_c   90.528
_cell.angle_alpha   90.000
_cell.angle_beta   90.000
_cell.angle_gamma   120.000
#
_symmetry.space_group_name_H-M   'P 61'
#
loop_
_entity.id
_entity.type
_entity.pdbx_description
1 polymer 'Exosome RNA helicase MTR4'
2 polymer 'Nuclear valosin-containing protein-like'
3 non-polymer 'SULFATE ION'
4 non-polymer "ADENOSINE-5'-DIPHOSPHATE"
5 non-polymer 'CHLORIDE ION'
6 water water
#
loop_
_entity_poly.entity_id
_entity_poly.type
_entity_poly.pdbx_seq_one_letter_code
_entity_poly.pdbx_strand_id
1 'polypeptide(L)'
;GTDEPIFGKKPRIEESITEDLSLADLMPRVKVQSVETVEGCTHEVALPAEEDYLPLKPRVGKAAKEYPFILDAFQREAIQ
CVDNNQSVLVSAHTSAGKTVCAEYAIALALREKQRVIFTSPIKALSNQKYREMYEEFQDVGLMTGDVTINPTASCLVMTT
EILRSMLYRGSEVMREVAWVIFDEIHYMRDSERGVVWEETIILLPDNVHYVFLSATIPNARQFAEWICHLHKQPCHVIYT
DYRPTPLQHYIFPAGGDGLHLVVDENGDFREDNFNTAMQVLRDAGDLAKGDQKGRKGGTKGPSNVFKIVKMIMERNFQPV
IIFSFSKKDCEAYALQMTKLDFNTDEEKKMVEEVFSNAIDCLSDEDKKLPQVEHVLPLLKRGIGIHHGGLLPILKETIEI
LFSEGLIKALFATETFAMGINMPARTVLFTNARKFDGKDFRWISSGEYIQMSGRAGRRGMDDRGIVILMVDEKMSPTIGK
QLLKGSADPLNSAFHLTYNMVLNLLRVEEINPEYMLEKSFYQFQHYRAIPGVVEKVKNSEEQYNKIVIPNEESVVIYYKI
RQQLAKLGKEIEEYIHKPKYCLPFLQPGRLVKVKNEGDDFGWGVVVNFSKKSNVKPNSGELDPLYVVEVLLRCSKESLKN
SATEAAKPAKPDEKGEMQVVPVLVHLLSAISSVRLYIPKDLRPVDNRQSVLKSIQEVQKRFPDGIPLLDPIDDMGIQDQG
LKKVIQKVEAFEHRMYSHPLHNDPNLETVYTLCEKKAQIAIDIKSAKRELKKARTVLQMDELKCRKRVLRRLGFATSSDV
IEMKGRVACEISSADELLLTEMMFNGLFNDLSAEQATALLSCFVFQENSSEMPKLTEQLAGPLRQMQECAKRIAKVSAEA
KLEIDEETYLSSFKPHLMDVVYTWATGATFAHICKMTDVFEGSIIRCMRRLEELLRQMCQAAKAIGNTELENKFAEGITK
IKRDIVFAASLYL
;
A
2 'polypeptide(L)' GPDSMKDSEGGWFIDKTPSVKKDSFFLDLSCEKSNPKKPITEIQDSKDSSLLESD B
#
# COMPACT_ATOMS: atom_id res chain seq x y z
N LEU A 23 18.68 16.43 -21.81
CA LEU A 23 18.23 16.98 -20.53
C LEU A 23 19.11 16.46 -19.39
N ALA A 24 18.83 16.92 -18.18
CA ALA A 24 19.59 16.52 -16.99
C ALA A 24 18.85 15.41 -16.26
N ASP A 25 18.82 14.24 -16.90
CA ASP A 25 18.13 13.06 -16.35
C ASP A 25 19.11 12.31 -15.45
N LEU A 26 19.01 12.56 -14.15
CA LEU A 26 19.78 11.81 -13.16
C LEU A 26 18.87 10.75 -12.54
N MET A 27 18.53 9.78 -13.38
CA MET A 27 17.60 8.70 -13.07
C MET A 27 18.35 7.46 -12.62
N PRO A 28 17.64 6.47 -12.07
CA PRO A 28 18.31 5.21 -11.70
C PRO A 28 18.76 4.44 -12.93
N ARG A 29 19.94 3.81 -12.81
CA ARG A 29 20.50 2.97 -13.87
C ARG A 29 21.04 1.72 -13.19
N VAL A 30 20.17 0.72 -13.02
CA VAL A 30 20.50 -0.51 -12.31
C VAL A 30 19.93 -1.69 -13.08
N LYS A 31 20.73 -2.72 -13.28
CA LYS A 31 20.27 -3.97 -13.84
C LYS A 31 20.09 -5.00 -12.73
N VAL A 32 19.47 -6.12 -13.08
CA VAL A 32 19.21 -7.21 -12.15
C VAL A 32 19.50 -8.51 -12.87
N GLN A 33 20.25 -9.40 -12.22
CA GLN A 33 20.58 -10.69 -12.80
C GLN A 33 20.06 -11.80 -11.92
N SER A 34 19.80 -12.96 -12.54
CA SER A 34 19.26 -14.12 -11.86
C SER A 34 20.37 -15.15 -11.69
N VAL A 35 20.75 -15.40 -10.44
CA VAL A 35 21.70 -16.46 -10.13
C VAL A 35 20.94 -17.78 -10.06
N GLU A 36 21.58 -18.85 -10.53
CA GLU A 36 20.98 -20.17 -10.46
C GLU A 36 21.18 -20.77 -9.08
N THR A 37 20.14 -21.41 -8.56
CA THR A 37 20.21 -22.08 -7.27
C THR A 37 19.36 -23.34 -7.31
N VAL A 38 19.44 -24.12 -6.23
CA VAL A 38 18.69 -25.37 -6.12
C VAL A 38 17.23 -25.04 -5.84
N GLU A 39 16.34 -25.93 -6.31
CA GLU A 39 14.92 -25.81 -6.01
C GLU A 39 14.74 -25.58 -4.50
N GLY A 40 13.95 -24.57 -4.16
CA GLY A 40 13.72 -24.23 -2.78
C GLY A 40 13.93 -22.75 -2.48
N CYS A 41 14.55 -22.04 -3.41
CA CYS A 41 14.75 -20.61 -3.24
C CYS A 41 15.14 -20.00 -4.58
N THR A 42 14.95 -18.70 -4.69
CA THR A 42 15.33 -17.93 -5.88
C THR A 42 16.30 -16.84 -5.46
N HIS A 43 17.29 -16.60 -6.32
CA HIS A 43 18.38 -15.67 -6.03
C HIS A 43 18.53 -14.70 -7.19
N GLU A 44 18.24 -13.43 -6.94
CA GLU A 44 18.52 -12.35 -7.86
C GLU A 44 19.43 -11.34 -7.18
N VAL A 45 20.12 -10.55 -7.99
CA VAL A 45 21.01 -9.51 -7.47
C VAL A 45 20.85 -8.26 -8.34
N ALA A 46 20.61 -7.14 -7.67
CA ALA A 46 20.49 -5.85 -8.35
C ALA A 46 21.85 -5.17 -8.38
N LEU A 47 22.28 -4.77 -9.57
CA LEU A 47 23.61 -4.21 -9.79
C LEU A 47 23.50 -2.87 -10.49
N PRO A 48 24.48 -1.98 -10.29
CA PRO A 48 24.62 -0.84 -11.20
C PRO A 48 24.87 -1.35 -12.60
N ALA A 49 24.21 -0.71 -13.58
CA ALA A 49 24.29 -1.20 -14.95
C ALA A 49 25.72 -1.16 -15.49
N GLU A 50 26.50 -0.16 -15.08
CA GLU A 50 27.85 -0.03 -15.62
C GLU A 50 28.74 -1.18 -15.18
N GLU A 51 28.60 -1.63 -13.93
CA GLU A 51 29.44 -2.71 -13.42
C GLU A 51 29.04 -4.04 -14.03
N ASP A 52 30.02 -4.94 -14.12
CA ASP A 52 29.82 -6.27 -14.69
C ASP A 52 29.54 -7.26 -13.57
N TYR A 53 28.46 -8.02 -13.72
CA TYR A 53 28.08 -9.01 -12.71
C TYR A 53 29.22 -9.96 -12.41
N LEU A 54 29.40 -10.27 -11.14
CA LEU A 54 30.43 -11.20 -10.68
C LEU A 54 29.80 -12.19 -9.73
N PRO A 55 29.76 -13.48 -10.05
CA PRO A 55 29.13 -14.44 -9.13
C PRO A 55 29.86 -14.50 -7.80
N LEU A 56 29.10 -14.70 -6.73
CA LEU A 56 29.70 -14.91 -5.42
C LEU A 56 30.69 -16.05 -5.48
N LYS A 57 31.83 -15.84 -4.92
CA LYS A 57 32.79 -16.92 -4.80
C LYS A 57 32.56 -17.68 -3.50
N PRO A 58 32.98 -18.94 -3.41
CA PRO A 58 32.76 -19.70 -2.17
C PRO A 58 33.47 -19.06 -0.99
N ARG A 59 32.89 -19.25 0.18
CA ARG A 59 33.50 -18.78 1.43
C ARG A 59 34.90 -19.37 1.59
N VAL A 60 35.80 -18.58 2.17
CA VAL A 60 37.15 -19.02 2.50
C VAL A 60 37.28 -19.11 4.01
N GLY A 61 37.90 -20.18 4.48
CA GLY A 61 38.10 -20.39 5.90
C GLY A 61 36.84 -20.87 6.59
N LYS A 62 37.01 -21.24 7.86
CA LYS A 62 35.89 -21.73 8.67
C LYS A 62 34.75 -20.73 8.64
N ALA A 63 33.53 -21.23 8.85
CA ALA A 63 32.38 -20.36 8.89
C ALA A 63 32.50 -19.40 10.08
N ALA A 64 31.63 -18.40 10.09
CA ALA A 64 31.55 -17.50 11.23
C ALA A 64 30.64 -18.03 12.32
N LYS A 65 29.73 -18.94 11.98
CA LYS A 65 28.79 -19.49 12.95
C LYS A 65 28.31 -20.83 12.44
N GLU A 66 28.27 -21.82 13.34
CA GLU A 66 27.63 -23.10 13.06
C GLU A 66 26.30 -23.16 13.79
N TYR A 67 25.37 -23.94 13.24
CA TYR A 67 24.02 -24.00 13.80
C TYR A 67 23.69 -25.42 14.21
N PRO A 68 22.80 -25.60 15.19
CA PRO A 68 22.46 -26.95 15.66
C PRO A 68 21.49 -27.68 14.75
N PHE A 69 21.43 -27.28 13.48
CA PHE A 69 20.52 -27.90 12.53
C PHE A 69 21.11 -27.79 11.14
N ILE A 70 20.50 -28.51 10.19
CA ILE A 70 20.85 -28.38 8.78
C ILE A 70 20.18 -27.13 8.23
N LEU A 71 20.98 -26.23 7.67
CA LEU A 71 20.44 -25.01 7.10
C LEU A 71 19.68 -25.30 5.81
N ASP A 72 18.61 -24.53 5.59
CA ASP A 72 17.84 -24.65 4.37
C ASP A 72 18.52 -23.89 3.24
N ALA A 73 18.12 -24.21 2.00
CA ALA A 73 18.77 -23.65 0.83
C ALA A 73 18.82 -22.13 0.88
N PHE A 74 17.70 -21.49 1.21
CA PHE A 74 17.66 -20.03 1.16
C PHE A 74 18.58 -19.42 2.22
N GLN A 75 18.78 -20.12 3.34
CA GLN A 75 19.70 -19.61 4.35
C GLN A 75 21.14 -19.69 3.86
N ARG A 76 21.51 -20.80 3.23
CA ARG A 76 22.87 -20.93 2.71
C ARG A 76 23.20 -19.80 1.74
N GLU A 77 22.30 -19.52 0.80
CA GLU A 77 22.57 -18.50 -0.20
C GLU A 77 22.74 -17.13 0.45
N ALA A 78 21.84 -16.77 1.37
CA ALA A 78 21.99 -15.53 2.10
C ALA A 78 23.31 -15.51 2.87
N ILE A 79 23.66 -16.61 3.53
CA ILE A 79 24.95 -16.71 4.20
C ILE A 79 26.08 -16.38 3.22
N GLN A 80 26.05 -17.02 2.05
CA GLN A 80 27.10 -16.78 1.06
C GLN A 80 27.18 -15.31 0.66
N CYS A 81 26.05 -14.61 0.66
CA CYS A 81 26.09 -13.17 0.41
C CYS A 81 26.91 -12.46 1.47
N VAL A 82 26.62 -12.73 2.75
CA VAL A 82 27.32 -12.08 3.84
C VAL A 82 28.79 -12.48 3.84
N ASP A 83 29.09 -13.73 3.50
CA ASP A 83 30.48 -14.14 3.36
C ASP A 83 31.21 -13.29 2.32
N ASN A 84 30.49 -12.82 1.31
CA ASN A 84 31.08 -11.99 0.26
C ASN A 84 30.89 -10.50 0.52
N ASN A 85 30.49 -10.11 1.73
CA ASN A 85 30.34 -8.71 2.09
C ASN A 85 29.49 -7.96 1.07
N GLN A 86 28.29 -8.49 0.82
CA GLN A 86 27.34 -7.87 -0.09
C GLN A 86 25.97 -7.85 0.56
N SER A 87 25.29 -6.71 0.48
CA SER A 87 23.99 -6.56 1.10
C SER A 87 23.01 -7.56 0.50
N VAL A 88 22.03 -7.95 1.30
CA VAL A 88 21.10 -8.99 0.92
C VAL A 88 19.74 -8.71 1.56
N LEU A 89 18.69 -8.93 0.79
CA LEU A 89 17.32 -8.91 1.29
C LEU A 89 16.81 -10.35 1.28
N VAL A 90 16.37 -10.84 2.44
CA VAL A 90 15.83 -12.18 2.56
C VAL A 90 14.32 -12.05 2.72
N SER A 91 13.58 -12.61 1.76
CA SER A 91 12.12 -12.54 1.75
C SER A 91 11.60 -13.96 1.90
N ALA A 92 11.27 -14.34 3.12
CA ALA A 92 10.73 -15.65 3.44
C ALA A 92 9.62 -15.49 4.46
N HIS A 93 8.73 -16.48 4.52
CA HIS A 93 7.62 -16.40 5.45
C HIS A 93 8.16 -16.34 6.89
N THR A 94 7.34 -15.77 7.77
CA THR A 94 7.68 -15.74 9.18
C THR A 94 7.82 -17.16 9.71
N SER A 95 8.87 -17.39 10.50
CA SER A 95 9.21 -18.68 11.08
C SER A 95 9.94 -19.58 10.08
N ALA A 96 10.32 -19.05 8.91
CA ALA A 96 11.08 -19.86 7.95
C ALA A 96 12.54 -19.98 8.36
N GLY A 97 13.07 -18.97 9.06
CA GLY A 97 14.45 -19.01 9.51
C GLY A 97 15.25 -17.79 9.08
N LYS A 98 14.58 -16.64 8.96
CA LYS A 98 15.28 -15.42 8.54
C LYS A 98 16.30 -14.98 9.57
N THR A 99 16.01 -15.15 10.87
CA THR A 99 16.92 -14.70 11.91
C THR A 99 18.25 -15.43 11.84
N VAL A 100 18.29 -16.62 11.25
CA VAL A 100 19.55 -17.34 11.09
C VAL A 100 20.56 -16.48 10.34
N CYS A 101 20.11 -15.79 9.29
CA CYS A 101 21.01 -14.99 8.48
C CYS A 101 21.59 -13.83 9.29
N ALA A 102 20.72 -13.07 9.97
CA ALA A 102 21.19 -11.96 10.78
C ALA A 102 22.23 -12.42 11.79
N GLU A 103 22.01 -13.57 12.42
CA GLU A 103 22.95 -14.08 13.41
C GLU A 103 24.32 -14.28 12.78
N TYR A 104 24.37 -14.78 11.54
CA TYR A 104 25.65 -14.98 10.89
C TYR A 104 26.36 -13.66 10.64
N ALA A 105 25.60 -12.63 10.22
CA ALA A 105 26.17 -11.30 10.05
C ALA A 105 26.80 -10.82 11.36
N ILE A 106 26.03 -10.83 12.45
CA ILE A 106 26.55 -10.46 13.75
C ILE A 106 27.80 -11.28 14.06
N ALA A 107 27.72 -12.60 13.86
CA ALA A 107 28.87 -13.46 14.08
C ALA A 107 30.08 -12.98 13.27
N LEU A 108 29.88 -12.77 11.98
CA LEU A 108 31.00 -12.42 11.12
C LEU A 108 31.64 -11.10 11.55
N ALA A 109 30.82 -10.09 11.83
CA ALA A 109 31.36 -8.80 12.21
C ALA A 109 32.12 -8.88 13.52
N LEU A 110 31.54 -9.55 14.52
CA LEU A 110 32.26 -9.76 15.77
C LEU A 110 33.54 -10.55 15.54
N ARG A 111 33.46 -11.62 14.73
CA ARG A 111 34.66 -12.39 14.39
C ARG A 111 35.73 -11.50 13.78
N GLU A 112 35.33 -10.44 13.07
CA GLU A 112 36.26 -9.52 12.43
C GLU A 112 36.45 -8.24 13.21
N LYS A 113 36.02 -8.20 14.48
CA LYS A 113 36.22 -7.04 15.34
C LYS A 113 35.63 -5.78 14.71
N GLN A 114 34.47 -5.93 14.09
CA GLN A 114 33.69 -4.82 13.57
C GLN A 114 32.42 -4.68 14.40
N ARG A 115 31.66 -3.63 14.12
CA ARG A 115 30.42 -3.37 14.84
C ARG A 115 29.22 -3.77 14.00
N VAL A 116 28.08 -3.91 14.69
CA VAL A 116 26.83 -4.32 14.06
C VAL A 116 25.70 -3.57 14.74
N ILE A 117 24.67 -3.28 13.96
CA ILE A 117 23.44 -2.70 14.49
C ILE A 117 22.27 -3.53 13.99
N PHE A 118 21.57 -4.18 14.90
CA PHE A 118 20.34 -4.91 14.60
C PHE A 118 19.21 -3.98 15.00
N THR A 119 18.63 -3.30 14.02
CA THR A 119 17.61 -2.29 14.28
C THR A 119 16.24 -2.89 14.04
N SER A 120 15.35 -2.70 15.01
CA SER A 120 13.97 -3.18 14.95
C SER A 120 13.02 -2.00 15.10
N PRO A 121 11.82 -2.08 14.51
CA PRO A 121 10.93 -0.91 14.56
C PRO A 121 10.33 -0.63 15.93
N ILE A 122 10.06 -1.65 16.75
CA ILE A 122 9.35 -1.48 18.00
C ILE A 122 10.30 -1.73 19.17
N LYS A 123 10.08 -0.98 20.26
CA LYS A 123 10.84 -1.17 21.48
C LYS A 123 10.69 -2.60 21.99
N ALA A 124 9.45 -3.03 22.24
CA ALA A 124 9.20 -4.34 22.83
C ALA A 124 9.92 -5.45 22.07
N LEU A 125 9.97 -5.34 20.74
CA LEU A 125 10.74 -6.31 19.96
C LEU A 125 12.22 -6.16 20.22
N SER A 126 12.70 -4.92 20.31
CA SER A 126 14.13 -4.69 20.56
C SER A 126 14.56 -5.32 21.88
N ASN A 127 13.72 -5.20 22.91
CA ASN A 127 14.05 -5.81 24.20
C ASN A 127 14.20 -7.32 24.06
N GLN A 128 13.23 -7.98 23.43
CA GLN A 128 13.28 -9.43 23.30
C GLN A 128 14.46 -9.87 22.45
N LYS A 129 14.72 -9.17 21.35
CA LYS A 129 15.87 -9.53 20.53
C LYS A 129 17.17 -9.34 21.30
N TYR A 130 17.25 -8.30 22.12
CA TYR A 130 18.44 -8.11 22.95
C TYR A 130 18.68 -9.32 23.85
N ARG A 131 17.62 -9.85 24.44
CA ARG A 131 17.75 -11.04 25.26
C ARG A 131 18.33 -12.20 24.44
N GLU A 132 17.75 -12.45 23.27
CA GLU A 132 18.30 -13.46 22.36
C GLU A 132 19.78 -13.19 22.08
N MET A 133 20.07 -12.02 21.52
CA MET A 133 21.44 -11.72 21.11
C MET A 133 22.40 -11.76 22.29
N TYR A 134 21.94 -11.41 23.49
CA TYR A 134 22.85 -11.37 24.64
C TYR A 134 23.25 -12.78 25.07
N GLU A 135 22.27 -13.67 25.26
CA GLU A 135 22.59 -15.04 25.65
C GLU A 135 23.47 -15.73 24.62
N GLU A 136 23.43 -15.28 23.36
CA GLU A 136 24.14 -15.97 22.28
C GLU A 136 25.53 -15.40 22.02
N PHE A 137 25.67 -14.07 22.01
CA PHE A 137 26.96 -13.44 21.73
C PHE A 137 27.56 -12.72 22.95
N GLN A 138 26.71 -12.14 23.79
CA GLN A 138 27.12 -11.53 25.07
C GLN A 138 27.84 -10.19 24.88
N ASP A 139 28.34 -9.90 23.69
CA ASP A 139 28.98 -8.61 23.41
C ASP A 139 27.97 -7.58 22.90
N VAL A 140 26.70 -7.72 23.25
CA VAL A 140 25.66 -6.91 22.66
C VAL A 140 25.19 -5.85 23.65
N GLY A 141 24.60 -4.78 23.10
CA GLY A 141 23.99 -3.75 23.91
C GLY A 141 22.64 -3.36 23.32
N LEU A 142 21.91 -2.54 24.08
CA LEU A 142 20.56 -2.15 23.70
C LEU A 142 20.44 -0.64 23.77
N MET A 143 19.61 -0.08 22.88
CA MET A 143 19.35 1.36 22.87
C MET A 143 17.93 1.59 22.37
N THR A 144 17.07 2.08 23.24
CA THR A 144 15.70 2.45 22.87
C THR A 144 15.40 3.81 23.49
N GLY A 145 14.18 4.28 23.26
CA GLY A 145 13.74 5.53 23.89
C GLY A 145 13.65 5.44 25.39
N ASP A 146 13.66 4.24 25.95
CA ASP A 146 13.50 4.03 27.39
C ASP A 146 14.76 3.54 28.09
N VAL A 147 15.58 2.73 27.43
CA VAL A 147 16.69 2.04 28.08
C VAL A 147 17.93 2.12 27.20
N THR A 148 19.10 2.17 27.86
CA THR A 148 20.39 2.20 27.17
C THR A 148 21.34 1.28 27.92
N ILE A 149 21.67 0.14 27.31
CA ILE A 149 22.48 -0.90 27.95
C ILE A 149 23.72 -1.14 27.10
N ASN A 150 24.89 -0.96 27.72
CA ASN A 150 26.17 -1.30 27.10
C ASN A 150 26.32 -0.60 25.73
N PRO A 151 26.38 0.73 25.70
CA PRO A 151 26.50 1.42 24.41
C PRO A 151 27.72 1.03 23.62
N THR A 152 28.83 0.74 24.29
CA THR A 152 30.08 0.39 23.62
C THR A 152 30.07 -1.03 23.06
N ALA A 153 28.97 -1.76 23.20
CA ALA A 153 28.88 -3.11 22.64
C ALA A 153 29.21 -3.09 21.16
N SER A 154 29.76 -4.22 20.68
CA SER A 154 30.05 -4.36 19.26
C SER A 154 28.79 -4.66 18.44
N CYS A 155 27.75 -5.17 19.07
CA CYS A 155 26.49 -5.49 18.40
C CYS A 155 25.38 -4.80 19.18
N LEU A 156 24.81 -3.74 18.60
CA LEU A 156 23.80 -2.94 19.26
C LEU A 156 22.44 -3.25 18.68
N VAL A 157 21.53 -3.72 19.54
CA VAL A 157 20.10 -3.73 19.22
C VAL A 157 19.56 -2.35 19.53
N MET A 158 18.84 -1.76 18.58
CA MET A 158 18.29 -0.44 18.83
C MET A 158 17.07 -0.21 17.95
N THR A 159 16.17 0.64 18.45
CA THR A 159 14.99 1.01 17.68
C THR A 159 15.40 1.92 16.52
N THR A 160 14.69 1.76 15.40
CA THR A 160 14.98 2.59 14.23
C THR A 160 14.92 4.07 14.59
N GLU A 161 13.92 4.47 15.37
CA GLU A 161 13.84 5.87 15.79
C GLU A 161 15.14 6.32 16.42
N ILE A 162 15.77 5.46 17.22
CA ILE A 162 17.05 5.81 17.83
C ILE A 162 18.13 5.92 16.77
N LEU A 163 18.12 5.01 15.80
CA LEU A 163 19.20 4.98 14.81
C LEU A 163 19.22 6.23 13.95
N ARG A 164 18.04 6.68 13.48
CA ARG A 164 18.00 7.91 12.70
C ARG A 164 18.44 9.10 13.54
N SER A 165 18.01 9.14 14.81
CA SER A 165 18.41 10.24 15.68
C SER A 165 19.92 10.28 15.85
N MET A 166 20.59 9.13 15.85
CA MET A 166 22.05 9.11 15.99
C MET A 166 22.72 9.56 14.70
N LEU A 167 22.18 9.16 13.55
CA LEU A 167 22.78 9.56 12.27
C LEU A 167 22.70 11.06 12.06
N TYR A 168 21.59 11.67 12.45
CA TYR A 168 21.49 13.13 12.39
C TYR A 168 22.45 13.80 13.38
N ARG A 169 22.70 13.17 14.52
CA ARG A 169 23.50 13.79 15.57
C ARG A 169 24.99 13.75 15.22
N GLY A 170 25.54 12.57 15.00
CA GLY A 170 26.96 12.43 14.82
C GLY A 170 27.32 11.23 13.96
N SER A 171 28.62 11.05 13.77
CA SER A 171 29.15 9.95 12.98
C SER A 171 29.61 8.77 13.81
N GLU A 172 29.85 8.99 15.11
CA GLU A 172 30.29 7.90 15.98
C GLU A 172 29.27 6.78 16.08
N VAL A 173 28.00 7.06 15.74
CA VAL A 173 26.99 6.01 15.72
C VAL A 173 27.45 4.86 14.83
N MET A 174 28.01 5.17 13.67
CA MET A 174 28.41 4.18 12.68
C MET A 174 29.91 3.96 12.65
N ARG A 175 30.65 4.51 13.60
CA ARG A 175 32.08 4.28 13.67
C ARG A 175 32.38 2.79 13.72
N GLU A 176 33.16 2.30 12.77
CA GLU A 176 33.55 0.89 12.69
C GLU A 176 32.35 -0.04 12.57
N VAL A 177 31.22 0.46 12.09
CA VAL A 177 30.05 -0.37 11.85
C VAL A 177 30.12 -0.89 10.42
N ALA A 178 30.13 -2.23 10.28
CA ALA A 178 30.22 -2.85 8.97
C ALA A 178 28.90 -3.42 8.48
N TRP A 179 27.95 -3.67 9.38
CA TRP A 179 26.69 -4.30 9.01
C TRP A 179 25.55 -3.63 9.77
N VAL A 180 24.40 -3.57 9.12
CA VAL A 180 23.16 -3.11 9.75
C VAL A 180 22.05 -4.05 9.33
N ILE A 181 21.35 -4.61 10.32
CA ILE A 181 20.32 -5.62 10.09
C ILE A 181 18.97 -5.00 10.36
N PHE A 182 18.09 -5.08 9.38
CA PHE A 182 16.76 -4.49 9.44
C PHE A 182 15.74 -5.61 9.62
N ASP A 183 15.31 -5.83 10.85
CA ASP A 183 14.32 -6.85 11.13
C ASP A 183 12.94 -6.38 10.70
N GLU A 184 12.26 -7.18 9.86
CA GLU A 184 10.91 -6.87 9.42
C GLU A 184 10.85 -5.51 8.74
N ILE A 185 11.16 -5.45 7.44
CA ILE A 185 11.04 -4.21 6.69
C ILE A 185 9.60 -3.79 6.46
N HIS A 186 8.63 -4.63 6.83
CA HIS A 186 7.23 -4.27 6.66
C HIS A 186 6.89 -3.00 7.42
N TYR A 187 7.60 -2.72 8.52
CA TYR A 187 7.38 -1.49 9.27
C TYR A 187 7.41 -0.26 8.36
N MET A 188 7.98 -0.38 7.16
CA MET A 188 8.00 0.74 6.23
C MET A 188 6.60 1.05 5.68
N ARG A 189 5.79 0.01 5.48
CA ARG A 189 4.41 0.21 5.04
C ARG A 189 3.64 1.07 6.05
N ASP A 190 3.90 0.86 7.34
CA ASP A 190 3.21 1.62 8.38
C ASP A 190 3.29 3.12 8.09
N SER A 191 2.27 3.84 8.52
CA SER A 191 2.18 5.28 8.28
C SER A 191 2.79 6.09 9.41
N GLU A 192 2.62 5.63 10.66
CA GLU A 192 3.10 6.39 11.80
C GLU A 192 4.61 6.29 11.97
N ARG A 193 5.22 5.18 11.54
CA ARG A 193 6.66 4.99 11.73
C ARG A 193 7.33 4.37 10.50
N GLY A 194 6.75 4.50 9.32
CA GLY A 194 7.35 3.99 8.11
C GLY A 194 8.24 5.03 7.44
N VAL A 195 7.99 6.30 7.74
CA VAL A 195 8.81 7.37 7.17
C VAL A 195 10.19 7.39 7.83
N VAL A 196 10.24 7.17 9.15
CA VAL A 196 11.52 7.13 9.85
C VAL A 196 12.36 5.97 9.33
N TRP A 197 11.71 4.85 9.02
CA TRP A 197 12.42 3.69 8.50
C TRP A 197 13.13 4.02 7.19
N GLU A 198 12.39 4.54 6.22
CA GLU A 198 12.96 4.88 4.91
C GLU A 198 13.99 6.00 5.05
N GLU A 199 13.67 7.02 5.84
CA GLU A 199 14.60 8.11 6.10
C GLU A 199 15.94 7.60 6.60
N THR A 200 15.92 6.59 7.48
CA THR A 200 17.15 6.03 8.04
C THR A 200 18.02 5.43 6.95
N ILE A 201 17.46 4.52 6.15
CA ILE A 201 18.24 3.84 5.11
C ILE A 201 18.88 4.85 4.16
N ILE A 202 18.20 5.96 3.90
CA ILE A 202 18.77 6.98 3.01
C ILE A 202 19.97 7.66 3.66
N LEU A 203 20.06 7.67 4.98
CA LEU A 203 21.12 8.38 5.68
C LEU A 203 22.36 7.54 5.93
N LEU A 204 22.26 6.22 5.87
CA LEU A 204 23.42 5.39 6.19
C LEU A 204 24.53 5.61 5.15
N PRO A 205 25.78 5.41 5.54
CA PRO A 205 26.87 5.52 4.57
C PRO A 205 26.83 4.39 3.56
N ASP A 206 27.42 4.65 2.40
CA ASP A 206 27.42 3.65 1.33
C ASP A 206 28.39 2.50 1.65
N ASN A 207 29.46 2.78 2.40
CA ASN A 207 30.42 1.75 2.78
C ASN A 207 29.82 0.67 3.67
N VAL A 208 28.62 0.87 4.19
CA VAL A 208 27.98 -0.10 5.06
C VAL A 208 27.22 -1.10 4.21
N HIS A 209 27.12 -2.32 4.72
CA HIS A 209 26.36 -3.39 4.08
C HIS A 209 25.16 -3.73 4.95
N TYR A 210 24.08 -4.15 4.30
CA TYR A 210 22.80 -4.30 4.97
C TYR A 210 22.26 -5.71 4.80
N VAL A 211 21.57 -6.17 5.84
CA VAL A 211 20.76 -7.39 5.78
C VAL A 211 19.32 -6.96 6.08
N PHE A 212 18.44 -7.18 5.12
CA PHE A 212 17.01 -6.88 5.28
C PHE A 212 16.26 -8.19 5.43
N LEU A 213 15.45 -8.28 6.47
CA LEU A 213 14.60 -9.44 6.71
C LEU A 213 13.15 -9.05 6.49
N SER A 214 12.44 -9.83 5.69
CA SER A 214 11.07 -9.51 5.35
C SER A 214 10.29 -10.80 5.15
N ALA A 215 9.03 -10.64 4.80
CA ALA A 215 8.16 -11.74 4.44
C ALA A 215 7.97 -11.72 2.93
N THR A 216 7.31 -12.75 2.42
CA THR A 216 7.02 -12.81 1.00
C THR A 216 6.41 -11.50 0.55
N ILE A 217 7.16 -10.73 -0.24
CA ILE A 217 6.64 -9.51 -0.87
C ILE A 217 6.78 -9.68 -2.37
N PRO A 218 5.79 -9.26 -3.17
CA PRO A 218 5.91 -9.44 -4.63
C PRO A 218 6.91 -8.50 -5.28
N ASN A 219 7.28 -7.40 -4.61
CA ASN A 219 8.19 -6.41 -5.16
C ASN A 219 9.52 -6.37 -4.39
N ALA A 220 10.03 -7.55 -4.01
CA ALA A 220 11.32 -7.60 -3.35
C ALA A 220 12.42 -7.07 -4.27
N ARG A 221 12.33 -7.40 -5.56
CA ARG A 221 13.32 -6.91 -6.52
C ARG A 221 13.37 -5.38 -6.51
N GLN A 222 12.22 -4.74 -6.68
CA GLN A 222 12.16 -3.28 -6.66
C GLN A 222 12.91 -2.71 -5.45
N PHE A 223 12.78 -3.37 -4.30
CA PHE A 223 13.47 -2.88 -3.11
C PHE A 223 14.97 -2.98 -3.27
N ALA A 224 15.47 -4.15 -3.69
CA ALA A 224 16.91 -4.29 -3.89
C ALA A 224 17.42 -3.30 -4.92
N GLU A 225 16.66 -3.08 -5.99
CA GLU A 225 17.05 -2.09 -6.98
C GLU A 225 17.22 -0.72 -6.34
N TRP A 226 16.32 -0.36 -5.43
CA TRP A 226 16.44 0.92 -4.74
C TRP A 226 17.72 0.99 -3.93
N ILE A 227 17.96 -0.01 -3.08
CA ILE A 227 19.20 -0.07 -2.30
C ILE A 227 20.40 0.04 -3.21
N CYS A 228 20.34 -0.60 -4.38
CA CYS A 228 21.47 -0.55 -5.31
C CYS A 228 21.63 0.82 -5.93
N HIS A 229 20.51 1.42 -6.37
CA HIS A 229 20.56 2.78 -6.88
C HIS A 229 21.01 3.76 -5.80
N LEU A 230 20.73 3.43 -4.54
CA LEU A 230 20.96 4.37 -3.45
C LEU A 230 22.42 4.38 -3.01
N HIS A 231 22.96 3.21 -2.66
CA HIS A 231 24.30 3.11 -2.09
C HIS A 231 25.33 2.61 -3.09
N LYS A 232 24.99 2.56 -4.38
CA LYS A 232 25.96 2.26 -5.44
C LYS A 232 26.68 0.94 -5.15
N GLN A 233 25.96 -0.02 -4.60
CA GLN A 233 26.51 -1.32 -4.23
C GLN A 233 25.54 -2.42 -4.62
N PRO A 234 26.04 -3.59 -5.02
CA PRO A 234 25.15 -4.71 -5.32
C PRO A 234 24.25 -5.02 -4.13
N CYS A 235 23.04 -5.49 -4.43
CA CYS A 235 22.12 -5.92 -3.39
C CYS A 235 21.37 -7.16 -3.86
N HIS A 236 21.40 -8.21 -3.04
CA HIS A 236 20.85 -9.50 -3.41
C HIS A 236 19.42 -9.64 -2.90
N VAL A 237 18.69 -10.56 -3.53
CA VAL A 237 17.32 -10.87 -3.15
C VAL A 237 17.22 -12.38 -3.06
N ILE A 238 17.01 -12.90 -1.85
CA ILE A 238 16.72 -14.30 -1.62
C ILE A 238 15.24 -14.40 -1.27
N TYR A 239 14.51 -15.21 -2.01
CA TYR A 239 13.08 -15.35 -1.83
C TYR A 239 12.71 -16.81 -1.77
N THR A 240 11.76 -17.14 -0.90
CA THR A 240 11.29 -18.51 -0.77
C THR A 240 9.88 -18.49 -0.21
N ASP A 241 8.97 -19.24 -0.84
CA ASP A 241 7.67 -19.52 -0.27
C ASP A 241 7.69 -20.72 0.65
N TYR A 242 8.88 -21.22 0.99
CA TYR A 242 9.01 -22.35 1.90
C TYR A 242 8.36 -22.01 3.24
N ARG A 243 7.52 -22.91 3.71
CA ARG A 243 6.88 -22.77 5.02
C ARG A 243 7.14 -24.07 5.79
N PRO A 244 7.92 -24.05 6.87
CA PRO A 244 8.32 -25.31 7.50
C PRO A 244 7.16 -26.11 8.08
N THR A 245 5.97 -25.52 8.17
CA THR A 245 4.80 -26.23 8.69
C THR A 245 3.59 -25.91 7.83
N PRO A 246 3.09 -26.86 7.04
CA PRO A 246 1.96 -26.54 6.15
C PRO A 246 0.72 -26.19 6.95
N LEU A 247 -0.11 -25.35 6.36
CA LEU A 247 -1.31 -24.84 7.01
C LEU A 247 -2.57 -25.39 6.35
N GLN A 248 -3.57 -25.69 7.16
CA GLN A 248 -4.91 -25.99 6.70
C GLN A 248 -5.81 -24.82 7.10
N HIS A 249 -6.42 -24.18 6.12
CA HIS A 249 -7.26 -23.02 6.35
C HIS A 249 -8.73 -23.44 6.35
N TYR A 250 -9.45 -23.08 7.41
CA TYR A 250 -10.86 -23.38 7.54
C TYR A 250 -11.66 -22.10 7.65
N ILE A 251 -12.92 -22.15 7.22
CA ILE A 251 -13.87 -21.06 7.39
C ILE A 251 -15.01 -21.57 8.25
N PHE A 252 -15.54 -20.68 9.09
CA PHE A 252 -16.70 -21.00 9.93
C PHE A 252 -17.85 -20.08 9.54
N PRO A 253 -18.88 -20.57 8.85
CA PRO A 253 -20.02 -19.71 8.52
C PRO A 253 -20.81 -19.36 9.77
N ALA A 254 -21.13 -18.07 9.91
CA ALA A 254 -21.96 -17.64 11.03
C ALA A 254 -23.26 -18.43 11.05
N GLY A 255 -23.65 -18.90 12.23
CA GLY A 255 -24.80 -19.76 12.33
C GLY A 255 -24.59 -21.16 11.78
N GLY A 256 -23.35 -21.54 11.51
CA GLY A 256 -23.04 -22.87 11.04
C GLY A 256 -22.55 -23.75 12.16
N ASP A 257 -22.67 -25.07 11.96
CA ASP A 257 -22.34 -26.01 13.01
C ASP A 257 -20.86 -26.35 13.11
N GLY A 258 -20.12 -26.36 11.99
CA GLY A 258 -18.70 -26.67 12.03
C GLY A 258 -17.94 -26.00 10.91
N LEU A 259 -16.73 -26.50 10.68
CA LEU A 259 -15.73 -25.82 9.85
C LEU A 259 -15.58 -26.51 8.50
N HIS A 260 -15.42 -25.69 7.45
CA HIS A 260 -15.18 -26.17 6.10
C HIS A 260 -13.74 -25.92 5.72
N LEU A 261 -13.06 -26.95 5.21
CA LEU A 261 -11.69 -26.81 4.75
C LEU A 261 -11.68 -26.05 3.43
N VAL A 262 -11.19 -24.81 3.45
CA VAL A 262 -11.14 -23.99 2.25
C VAL A 262 -9.78 -24.04 1.54
N VAL A 263 -8.71 -24.36 2.26
CA VAL A 263 -7.39 -24.54 1.66
C VAL A 263 -6.69 -25.69 2.36
N ASP A 264 -6.21 -26.65 1.58
CA ASP A 264 -5.53 -27.82 2.12
C ASP A 264 -4.05 -27.51 2.35
N GLU A 265 -3.31 -28.50 2.86
CA GLU A 265 -1.89 -28.31 3.12
C GLU A 265 -1.13 -27.97 1.85
N ASN A 266 -1.52 -28.54 0.71
CA ASN A 266 -0.82 -28.28 -0.54
C ASN A 266 -1.01 -26.86 -1.05
N GLY A 267 -1.85 -26.06 -0.41
CA GLY A 267 -2.11 -24.71 -0.85
C GLY A 267 -3.18 -24.57 -1.91
N ASP A 268 -3.87 -25.66 -2.25
CA ASP A 268 -4.95 -25.58 -3.22
C ASP A 268 -6.22 -25.04 -2.56
N PHE A 269 -6.99 -24.28 -3.32
CA PHE A 269 -8.20 -23.65 -2.83
C PHE A 269 -9.39 -24.53 -3.20
N ARG A 270 -10.07 -25.07 -2.19
CA ARG A 270 -11.20 -25.97 -2.40
C ARG A 270 -12.46 -25.13 -2.56
N GLU A 271 -12.81 -24.81 -3.81
CA GLU A 271 -14.08 -24.16 -4.08
C GLU A 271 -15.25 -25.06 -3.74
N ASP A 272 -15.02 -26.38 -3.67
CA ASP A 272 -16.08 -27.31 -3.29
C ASP A 272 -16.63 -26.95 -1.92
N ASN A 273 -15.75 -26.80 -0.93
CA ASN A 273 -16.16 -26.55 0.44
C ASN A 273 -16.34 -25.08 0.77
N PHE A 274 -15.81 -24.17 -0.06
CA PHE A 274 -16.00 -22.74 0.19
C PHE A 274 -17.42 -22.32 -0.14
N ASN A 275 -17.91 -22.70 -1.32
CA ASN A 275 -19.26 -22.32 -1.72
C ASN A 275 -20.30 -22.92 -0.77
N THR A 276 -20.12 -24.19 -0.38
CA THR A 276 -21.07 -24.80 0.55
C THR A 276 -21.02 -24.11 1.90
N ALA A 277 -19.88 -23.49 2.25
CA ALA A 277 -19.78 -22.75 3.50
C ALA A 277 -20.57 -21.44 3.43
N MET A 278 -20.46 -20.73 2.31
CA MET A 278 -21.13 -19.44 2.19
C MET A 278 -22.64 -19.61 2.00
N GLN A 279 -23.07 -20.73 1.42
CA GLN A 279 -24.51 -20.98 1.31
C GLN A 279 -25.13 -21.18 2.69
N VAL A 280 -24.43 -21.89 3.58
CA VAL A 280 -24.87 -21.94 4.98
C VAL A 280 -24.92 -20.53 5.56
N LEU A 281 -23.95 -19.69 5.19
CA LEU A 281 -23.95 -18.31 5.66
C LEU A 281 -25.10 -17.53 5.05
N ARG A 282 -25.45 -17.80 3.79
CA ARG A 282 -26.46 -17.01 3.10
C ARG A 282 -27.82 -17.13 3.78
N ASP A 283 -28.17 -18.33 4.26
CA ASP A 283 -29.47 -18.57 4.87
C ASP A 283 -29.43 -18.59 6.40
N ALA A 284 -28.28 -18.31 7.01
CA ALA A 284 -28.13 -18.48 8.46
C ALA A 284 -28.88 -17.39 9.26
N GLY A 285 -28.83 -16.14 8.81
CA GLY A 285 -29.35 -15.05 9.63
C GLY A 285 -30.87 -14.96 9.61
N ASP A 286 -31.40 -14.24 10.60
CA ASP A 286 -32.84 -14.02 10.69
C ASP A 286 -33.37 -13.44 9.39
N LEU A 287 -34.63 -13.73 9.08
CA LEU A 287 -35.29 -13.29 7.85
C LEU A 287 -34.90 -14.18 6.68
N ALA A 288 -33.70 -14.77 6.73
CA ALA A 288 -33.28 -15.71 5.72
C ALA A 288 -33.73 -17.14 6.02
N LYS A 289 -33.92 -17.47 7.29
CA LYS A 289 -34.33 -18.81 7.70
C LYS A 289 -35.68 -19.18 7.10
N LYS A 300 -31.51 -18.46 26.53
CA LYS A 300 -30.46 -17.93 25.67
C LYS A 300 -29.52 -19.04 25.22
N GLY A 301 -28.45 -18.66 24.52
CA GLY A 301 -27.47 -19.61 24.04
C GLY A 301 -26.05 -19.13 24.28
N PRO A 302 -25.09 -20.02 24.07
CA PRO A 302 -23.68 -19.64 24.27
C PRO A 302 -23.11 -18.88 23.09
N SER A 303 -21.80 -18.61 23.12
CA SER A 303 -21.13 -17.87 22.07
C SER A 303 -20.55 -18.81 21.02
N ASN A 304 -20.43 -18.29 19.79
CA ASN A 304 -19.84 -19.08 18.72
C ASN A 304 -18.34 -19.27 18.93
N VAL A 305 -17.64 -18.20 19.32
CA VAL A 305 -16.23 -18.34 19.66
C VAL A 305 -16.05 -19.37 20.76
N PHE A 306 -16.92 -19.33 21.78
CA PHE A 306 -16.89 -20.33 22.84
C PHE A 306 -16.89 -21.74 22.24
N LYS A 307 -17.83 -22.00 21.33
CA LYS A 307 -17.99 -23.34 20.78
C LYS A 307 -16.80 -23.73 19.91
N ILE A 308 -16.13 -22.77 19.29
CA ILE A 308 -15.00 -23.09 18.42
C ILE A 308 -13.76 -23.42 19.23
N VAL A 309 -13.48 -22.62 20.28
CA VAL A 309 -12.33 -22.91 21.12
C VAL A 309 -12.57 -24.19 21.92
N LYS A 310 -13.84 -24.53 22.19
CA LYS A 310 -14.14 -25.76 22.92
C LYS A 310 -13.73 -26.98 22.10
N MET A 311 -14.21 -27.08 20.86
CA MET A 311 -13.82 -28.19 20.01
C MET A 311 -12.33 -28.18 19.73
N ILE A 312 -11.70 -27.01 19.80
CA ILE A 312 -10.25 -26.93 19.62
C ILE A 312 -9.53 -27.73 20.71
N MET A 313 -10.01 -27.63 21.95
CA MET A 313 -9.38 -28.38 23.03
C MET A 313 -9.71 -29.86 22.94
N GLU A 314 -10.87 -30.20 22.38
CA GLU A 314 -11.27 -31.61 22.23
C GLU A 314 -10.66 -32.27 21.00
N ARG A 315 -10.19 -31.49 20.04
CA ARG A 315 -9.53 -32.02 18.85
C ARG A 315 -8.01 -31.90 18.93
N ASN A 316 -7.48 -31.54 20.09
CA ASN A 316 -6.03 -31.44 20.29
C ASN A 316 -5.41 -30.41 19.36
N PHE A 317 -6.11 -29.31 19.14
CA PHE A 317 -5.61 -28.21 18.34
C PHE A 317 -4.92 -27.14 19.16
N GLN A 318 -4.93 -27.24 20.49
CA GLN A 318 -4.28 -26.26 21.33
C GLN A 318 -2.77 -26.36 21.20
N PRO A 319 -2.02 -25.30 21.58
CA PRO A 319 -2.55 -24.00 22.03
C PRO A 319 -3.02 -23.17 20.86
N VAL A 320 -3.94 -22.26 21.10
CA VAL A 320 -4.55 -21.48 20.03
C VAL A 320 -4.46 -20.00 20.37
N ILE A 321 -4.37 -19.19 19.33
CA ILE A 321 -4.43 -17.73 19.43
C ILE A 321 -5.74 -17.30 18.80
N ILE A 322 -6.55 -16.57 19.57
CA ILE A 322 -7.83 -16.05 19.08
C ILE A 322 -7.66 -14.54 18.91
N PHE A 323 -7.54 -14.10 17.67
CA PHE A 323 -7.33 -12.69 17.38
C PHE A 323 -8.65 -11.93 17.40
N SER A 324 -8.67 -10.83 18.15
CA SER A 324 -9.83 -9.94 18.23
C SER A 324 -9.34 -8.51 18.13
N PHE A 325 -9.92 -7.75 17.20
CA PHE A 325 -9.46 -6.40 16.92
C PHE A 325 -9.93 -5.38 17.95
N SER A 326 -10.73 -5.79 18.93
CA SER A 326 -11.19 -4.90 19.98
C SER A 326 -10.78 -5.49 21.32
N LYS A 327 -10.01 -4.72 22.09
CA LYS A 327 -9.61 -5.17 23.42
C LYS A 327 -10.82 -5.48 24.30
N LYS A 328 -11.93 -4.76 24.10
CA LYS A 328 -13.14 -5.04 24.87
C LYS A 328 -13.75 -6.38 24.45
N ASP A 329 -13.72 -6.68 23.15
CA ASP A 329 -14.17 -7.99 22.69
C ASP A 329 -13.18 -9.08 23.09
N CYS A 330 -11.89 -8.74 23.18
CA CYS A 330 -10.88 -9.71 23.56
C CYS A 330 -11.06 -10.17 24.99
N GLU A 331 -11.39 -9.24 25.90
CA GLU A 331 -11.60 -9.60 27.30
C GLU A 331 -12.90 -10.36 27.49
N ALA A 332 -13.94 -10.01 26.74
CA ALA A 332 -15.21 -10.72 26.85
C ALA A 332 -15.05 -12.17 26.41
N TYR A 333 -14.50 -12.40 25.22
CA TYR A 333 -14.32 -13.75 24.72
C TYR A 333 -13.48 -14.59 25.67
N ALA A 334 -12.43 -13.99 26.24
CA ALA A 334 -11.58 -14.72 27.18
C ALA A 334 -12.30 -15.00 28.49
N LEU A 335 -13.19 -14.09 28.92
CA LEU A 335 -13.90 -14.30 30.17
C LEU A 335 -14.99 -15.36 30.03
N GLN A 336 -15.58 -15.47 28.84
CA GLN A 336 -16.54 -16.54 28.60
C GLN A 336 -15.95 -17.90 28.90
N MET A 337 -14.65 -18.07 28.64
CA MET A 337 -13.98 -19.35 28.85
C MET A 337 -13.69 -19.64 30.32
N THR A 338 -13.90 -18.67 31.21
CA THR A 338 -13.68 -18.91 32.63
C THR A 338 -14.52 -20.07 33.16
N LYS A 339 -15.62 -20.40 32.47
CA LYS A 339 -16.42 -21.54 32.89
C LYS A 339 -15.65 -22.84 32.75
N LEU A 340 -14.71 -22.90 31.81
CA LEU A 340 -13.92 -24.10 31.56
C LEU A 340 -12.54 -23.97 32.19
N ASP A 341 -11.79 -25.07 32.13
CA ASP A 341 -10.42 -25.11 32.64
C ASP A 341 -9.58 -25.92 31.67
N PHE A 342 -8.45 -25.35 31.25
CA PHE A 342 -7.60 -25.95 30.23
C PHE A 342 -6.24 -26.37 30.77
N ASN A 343 -6.05 -26.36 32.08
CA ASN A 343 -4.74 -26.61 32.67
C ASN A 343 -4.81 -27.71 33.71
N THR A 344 -3.74 -28.51 33.76
CA THR A 344 -3.57 -29.51 34.80
C THR A 344 -3.13 -28.83 36.10
N ASP A 345 -3.49 -29.44 37.22
CA ASP A 345 -3.10 -28.88 38.51
C ASP A 345 -1.59 -28.68 38.59
N GLU A 346 -0.81 -29.51 37.92
CA GLU A 346 0.62 -29.26 37.81
C GLU A 346 0.88 -27.95 37.08
N GLU A 347 0.24 -27.76 35.93
CA GLU A 347 0.39 -26.52 35.18
C GLU A 347 -0.10 -25.34 36.00
N LYS A 348 -1.18 -25.52 36.75
CA LYS A 348 -1.64 -24.47 37.67
C LYS A 348 -0.50 -24.06 38.60
N LYS A 349 0.05 -25.01 39.35
CA LYS A 349 1.14 -24.71 40.27
C LYS A 349 2.28 -23.99 39.56
N MET A 350 2.56 -24.39 38.31
CA MET A 350 3.60 -23.72 37.54
C MET A 350 3.19 -22.28 37.21
N VAL A 351 1.96 -22.10 36.74
CA VAL A 351 1.47 -20.75 36.44
C VAL A 351 1.57 -19.88 37.68
N GLU A 352 1.06 -20.37 38.82
CA GLU A 352 1.08 -19.58 40.04
C GLU A 352 2.50 -19.22 40.46
N GLU A 353 3.43 -20.17 40.33
CA GLU A 353 4.80 -19.90 40.72
C GLU A 353 5.44 -18.86 39.80
N VAL A 354 5.33 -19.07 38.48
CA VAL A 354 5.86 -18.12 37.52
C VAL A 354 5.24 -16.75 37.70
N PHE A 355 3.97 -16.71 38.11
CA PHE A 355 3.27 -15.44 38.26
C PHE A 355 3.74 -14.69 39.49
N SER A 356 3.82 -15.37 40.64
CA SER A 356 4.23 -14.71 41.87
C SER A 356 5.68 -14.26 41.80
N ASN A 357 6.51 -14.95 41.03
CA ASN A 357 7.91 -14.55 40.92
C ASN A 357 8.06 -13.29 40.07
N ALA A 358 7.29 -13.19 38.98
CA ALA A 358 7.35 -12.02 38.11
C ALA A 358 6.79 -10.77 38.79
N ILE A 359 5.95 -10.94 39.79
CA ILE A 359 5.34 -9.80 40.48
C ILE A 359 6.16 -9.35 41.69
N ASP A 360 6.99 -10.22 42.26
CA ASP A 360 7.67 -9.91 43.51
C ASP A 360 8.33 -8.54 43.49
N CYS A 361 8.74 -8.07 42.32
CA CYS A 361 9.38 -6.76 42.23
C CYS A 361 8.39 -5.64 42.51
N LEU A 362 7.09 -5.87 42.28
CA LEU A 362 6.11 -4.82 42.48
C LEU A 362 5.89 -4.55 43.97
N SER A 363 5.47 -3.33 44.27
CA SER A 363 5.22 -2.94 45.64
C SER A 363 3.89 -3.51 46.11
N ASP A 364 3.80 -3.74 47.43
CA ASP A 364 2.57 -4.27 48.02
C ASP A 364 1.34 -3.54 47.52
N GLU A 365 1.43 -2.21 47.41
CA GLU A 365 0.27 -1.44 46.94
C GLU A 365 -0.13 -1.83 45.53
N ASP A 366 0.84 -2.13 44.67
CA ASP A 366 0.55 -2.41 43.27
C ASP A 366 0.07 -3.83 43.03
N LYS A 367 0.44 -4.78 43.89
CA LYS A 367 -0.03 -6.16 43.72
C LYS A 367 -1.54 -6.25 43.91
N LYS A 368 -2.13 -5.35 44.69
CA LYS A 368 -3.56 -5.36 44.93
C LYS A 368 -4.36 -4.78 43.77
N LEU A 369 -3.71 -4.30 42.71
CA LEU A 369 -4.42 -3.71 41.59
C LEU A 369 -5.47 -4.68 41.05
N PRO A 370 -6.59 -4.18 40.57
CA PRO A 370 -7.67 -5.09 40.13
C PRO A 370 -7.27 -5.93 38.93
N GLN A 371 -6.39 -5.41 38.07
CA GLN A 371 -5.98 -6.18 36.90
C GLN A 371 -5.14 -7.38 37.29
N VAL A 372 -4.32 -7.25 38.33
CA VAL A 372 -3.55 -8.39 38.81
C VAL A 372 -4.48 -9.46 39.38
N GLU A 373 -5.54 -9.03 40.07
CA GLU A 373 -6.47 -9.99 40.64
C GLU A 373 -7.31 -10.66 39.57
N HIS A 374 -7.73 -9.91 38.55
CA HIS A 374 -8.67 -10.43 37.57
C HIS A 374 -8.03 -11.40 36.59
N VAL A 375 -6.72 -11.31 36.37
CA VAL A 375 -6.08 -12.12 35.33
C VAL A 375 -5.60 -13.46 35.87
N LEU A 376 -5.10 -13.49 37.11
CA LEU A 376 -4.57 -14.74 37.65
C LEU A 376 -5.59 -15.87 37.60
N PRO A 377 -6.88 -15.65 37.86
CA PRO A 377 -7.85 -16.74 37.70
C PRO A 377 -7.93 -17.27 36.28
N LEU A 378 -7.68 -16.42 35.27
CA LEU A 378 -7.73 -16.88 33.89
C LEU A 378 -6.47 -17.66 33.52
N LEU A 379 -5.31 -17.22 34.03
CA LEU A 379 -4.07 -17.95 33.77
C LEU A 379 -4.11 -19.33 34.43
N LYS A 380 -4.61 -19.41 35.66
CA LYS A 380 -4.77 -20.70 36.32
C LYS A 380 -5.55 -21.67 35.45
N ARG A 381 -6.61 -21.19 34.80
CA ARG A 381 -7.45 -22.02 33.94
C ARG A 381 -6.90 -22.16 32.53
N GLY A 382 -5.65 -21.77 32.30
CA GLY A 382 -5.05 -21.89 30.98
C GLY A 382 -5.54 -20.89 29.97
N ILE A 383 -6.24 -19.83 30.40
CA ILE A 383 -6.75 -18.80 29.51
C ILE A 383 -5.89 -17.57 29.65
N GLY A 384 -5.67 -16.87 28.54
CA GLY A 384 -4.82 -15.69 28.55
C GLY A 384 -5.38 -14.61 27.65
N ILE A 385 -4.96 -13.37 27.95
CA ILE A 385 -5.32 -12.20 27.17
C ILE A 385 -4.04 -11.44 26.83
N HIS A 386 -4.05 -10.76 25.69
CA HIS A 386 -2.90 -9.95 25.30
C HIS A 386 -3.39 -8.78 24.45
N HIS A 387 -3.26 -7.56 24.97
CA HIS A 387 -3.62 -6.37 24.22
C HIS A 387 -2.98 -5.16 24.88
N GLY A 388 -2.84 -4.08 24.09
CA GLY A 388 -2.18 -2.88 24.54
C GLY A 388 -2.73 -2.31 25.82
N GLY A 389 -3.96 -2.69 26.17
CA GLY A 389 -4.59 -2.17 27.37
C GLY A 389 -4.04 -2.76 28.65
N LEU A 390 -3.39 -3.92 28.59
CA LEU A 390 -2.84 -4.52 29.79
C LEU A 390 -1.63 -3.72 30.28
N LEU A 391 -1.27 -3.96 31.53
CA LEU A 391 -0.07 -3.37 32.07
C LEU A 391 1.16 -4.06 31.47
N PRO A 392 2.25 -3.33 31.24
CA PRO A 392 3.41 -3.95 30.56
C PRO A 392 3.93 -5.19 31.27
N ILE A 393 4.03 -5.15 32.60
CA ILE A 393 4.56 -6.30 33.34
C ILE A 393 3.63 -7.50 33.19
N LEU A 394 2.32 -7.26 33.14
CA LEU A 394 1.39 -8.37 32.94
C LEU A 394 1.41 -8.87 31.50
N LYS A 395 1.41 -7.94 30.54
CA LYS A 395 1.48 -8.34 29.14
C LYS A 395 2.69 -9.23 28.88
N GLU A 396 3.83 -8.87 29.46
CA GLU A 396 5.04 -9.67 29.27
C GLU A 396 4.97 -10.98 30.05
N THR A 397 4.41 -10.94 31.26
CA THR A 397 4.23 -12.18 32.02
C THR A 397 3.39 -13.18 31.24
N ILE A 398 2.36 -12.70 30.55
CA ILE A 398 1.51 -13.57 29.74
C ILE A 398 2.28 -14.10 28.54
N GLU A 399 3.14 -13.26 27.95
CA GLU A 399 3.97 -13.73 26.84
C GLU A 399 4.90 -14.85 27.32
N ILE A 400 5.41 -14.75 28.53
CA ILE A 400 6.29 -15.77 29.08
C ILE A 400 5.51 -17.07 29.31
N LEU A 401 4.37 -16.96 30.01
CA LEU A 401 3.56 -18.14 30.25
C LEU A 401 3.12 -18.82 28.96
N PHE A 402 3.05 -18.06 27.87
CA PHE A 402 2.62 -18.63 26.60
C PHE A 402 3.73 -19.45 25.96
N SER A 403 4.95 -18.91 25.95
CA SER A 403 6.09 -19.65 25.42
C SER A 403 6.34 -20.92 26.21
N GLU A 404 5.83 -21.01 27.43
CA GLU A 404 5.96 -22.20 28.25
C GLU A 404 4.80 -23.19 28.07
N GLY A 405 3.87 -22.90 27.17
CA GLY A 405 2.74 -23.77 26.94
C GLY A 405 1.72 -23.81 28.05
N LEU A 406 1.90 -23.03 29.11
CA LEU A 406 0.95 -23.01 30.22
C LEU A 406 -0.32 -22.23 29.88
N ILE A 407 -0.37 -21.59 28.71
CA ILE A 407 -1.56 -20.90 28.23
C ILE A 407 -1.95 -21.60 26.94
N LYS A 408 -3.11 -22.25 26.95
CA LYS A 408 -3.55 -23.07 25.82
C LYS A 408 -4.65 -22.41 25.01
N ALA A 409 -5.10 -21.22 25.40
CA ALA A 409 -6.15 -20.50 24.68
C ALA A 409 -5.95 -19.02 24.94
N LEU A 410 -5.18 -18.37 24.07
CA LEU A 410 -4.80 -16.97 24.22
C LEU A 410 -5.66 -16.10 23.30
N PHE A 411 -6.43 -15.19 23.89
CA PHE A 411 -7.17 -14.18 23.14
C PHE A 411 -6.29 -12.93 23.07
N ALA A 412 -5.85 -12.58 21.87
CA ALA A 412 -4.91 -11.49 21.69
C ALA A 412 -5.43 -10.52 20.64
N THR A 413 -4.91 -9.29 20.71
CA THR A 413 -5.20 -8.27 19.72
C THR A 413 -4.34 -8.49 18.48
N GLU A 414 -4.54 -7.64 17.46
CA GLU A 414 -3.73 -7.75 16.25
C GLU A 414 -2.27 -7.43 16.53
N THR A 415 -2.00 -6.51 17.45
CA THR A 415 -0.63 -6.12 17.76
C THR A 415 0.23 -7.33 18.13
N PHE A 416 -0.38 -8.33 18.77
CA PHE A 416 0.37 -9.52 19.16
C PHE A 416 0.98 -10.23 17.96
N ALA A 417 0.37 -10.09 16.78
CA ALA A 417 0.92 -10.71 15.58
C ALA A 417 2.14 -9.95 15.06
N MET A 418 2.22 -8.65 15.35
CA MET A 418 3.36 -7.83 14.92
C MET A 418 4.38 -7.77 16.07
N GLY A 419 5.06 -8.88 16.26
CA GLY A 419 6.04 -9.00 17.31
C GLY A 419 6.92 -10.21 17.07
N ILE A 420 7.68 -10.57 18.11
CA ILE A 420 8.56 -11.72 18.00
C ILE A 420 7.71 -12.97 17.74
N ASN A 421 8.32 -13.95 17.07
CA ASN A 421 7.59 -15.16 16.69
C ASN A 421 7.26 -15.96 17.95
N MET A 422 5.99 -15.88 18.38
CA MET A 422 5.44 -16.70 19.44
C MET A 422 4.32 -17.52 18.83
N PRO A 423 4.64 -18.63 18.19
CA PRO A 423 3.62 -19.37 17.43
C PRO A 423 2.76 -20.24 18.33
N ALA A 424 1.63 -20.66 17.77
CA ALA A 424 0.72 -21.62 18.38
C ALA A 424 0.36 -22.67 17.32
N ARG A 425 -0.38 -23.69 17.73
CA ARG A 425 -0.81 -24.70 16.78
C ARG A 425 -1.99 -24.21 15.95
N THR A 426 -2.79 -23.29 16.47
CA THR A 426 -4.02 -22.87 15.83
C THR A 426 -4.20 -21.37 15.97
N VAL A 427 -4.75 -20.75 14.93
CA VAL A 427 -5.08 -19.33 14.94
C VAL A 427 -6.56 -19.19 14.61
N LEU A 428 -7.27 -18.41 15.42
CA LEU A 428 -8.70 -18.18 15.24
C LEU A 428 -8.95 -16.70 15.03
N PHE A 429 -9.81 -16.38 14.06
CA PHE A 429 -10.22 -15.02 13.77
C PHE A 429 -11.66 -14.85 14.22
N THR A 430 -11.88 -13.90 15.13
CA THR A 430 -13.25 -13.65 15.58
C THR A 430 -14.02 -12.77 14.61
N ASN A 431 -13.35 -11.84 13.93
CA ASN A 431 -13.99 -10.99 12.95
C ASN A 431 -13.12 -10.90 11.71
N ALA A 432 -13.77 -10.78 10.55
CA ALA A 432 -13.08 -10.65 9.28
C ALA A 432 -13.11 -9.23 8.73
N ARG A 433 -13.82 -8.31 9.38
CA ARG A 433 -13.92 -6.93 8.94
C ARG A 433 -13.28 -6.00 9.96
N LYS A 434 -12.65 -4.94 9.47
CA LYS A 434 -12.03 -3.93 10.31
C LYS A 434 -12.49 -2.56 9.86
N PHE A 435 -12.59 -1.63 10.81
CA PHE A 435 -13.09 -0.28 10.54
C PHE A 435 -11.92 0.61 10.11
N ASP A 436 -12.05 1.21 8.93
CA ASP A 436 -11.02 2.11 8.40
C ASP A 436 -11.72 3.30 7.75
N GLY A 437 -11.60 4.47 8.39
CA GLY A 437 -12.16 5.69 7.83
C GLY A 437 -13.62 5.88 8.15
N LYS A 438 -14.45 5.95 7.11
CA LYS A 438 -15.89 6.13 7.29
C LYS A 438 -16.69 4.96 6.70
N ASP A 439 -16.03 3.83 6.45
CA ASP A 439 -16.70 2.66 5.90
C ASP A 439 -15.96 1.41 6.35
N PHE A 440 -16.67 0.28 6.32
CA PHE A 440 -16.11 -1.01 6.68
C PHE A 440 -15.41 -1.64 5.49
N ARG A 441 -14.48 -2.54 5.78
CA ARG A 441 -13.74 -3.25 4.74
C ARG A 441 -13.17 -4.53 5.31
N TRP A 442 -13.09 -5.55 4.47
CA TRP A 442 -12.50 -6.81 4.87
C TRP A 442 -11.03 -6.58 5.26
N ILE A 443 -10.44 -7.61 5.85
CA ILE A 443 -9.01 -7.59 6.16
C ILE A 443 -8.25 -8.00 4.91
N SER A 444 -7.09 -7.38 4.70
CA SER A 444 -6.31 -7.64 3.50
C SER A 444 -5.57 -8.98 3.62
N SER A 445 -5.22 -9.53 2.45
CA SER A 445 -4.42 -10.76 2.45
C SER A 445 -3.11 -10.57 3.18
N GLY A 446 -2.54 -9.37 3.12
CA GLY A 446 -1.33 -9.11 3.89
C GLY A 446 -1.55 -9.29 5.37
N GLU A 447 -2.69 -8.82 5.89
CA GLU A 447 -2.97 -8.96 7.30
C GLU A 447 -3.28 -10.41 7.65
N TYR A 448 -3.99 -11.11 6.77
CA TYR A 448 -4.26 -12.53 7.01
C TYR A 448 -2.97 -13.34 6.99
N ILE A 449 -2.06 -13.01 6.08
CA ILE A 449 -0.76 -13.69 6.05
C ILE A 449 -0.01 -13.45 7.36
N GLN A 450 -0.09 -12.22 7.88
CA GLN A 450 0.69 -11.88 9.07
C GLN A 450 0.22 -12.67 10.28
N MET A 451 -1.10 -12.69 10.52
CA MET A 451 -1.63 -13.30 11.74
C MET A 451 -1.71 -14.81 11.61
N SER A 452 -2.02 -15.32 10.42
CA SER A 452 -2.08 -16.77 10.24
C SER A 452 -0.71 -17.42 10.26
N GLY A 453 0.34 -16.64 9.99
CA GLY A 453 1.70 -17.17 10.04
C GLY A 453 2.13 -17.65 11.40
N ARG A 454 1.36 -17.36 12.45
CA ARG A 454 1.69 -17.84 13.78
C ARG A 454 1.18 -19.25 14.03
N ALA A 455 0.26 -19.74 13.20
CA ALA A 455 -0.16 -21.12 13.29
C ALA A 455 0.90 -22.02 12.67
N GLY A 456 1.26 -23.10 13.36
CA GLY A 456 2.27 -23.99 12.86
C GLY A 456 3.61 -23.77 13.52
N ARG A 457 3.96 -24.66 14.44
CA ARG A 457 5.21 -24.57 15.18
C ARG A 457 6.24 -25.51 14.56
N ARG A 458 7.48 -25.03 14.48
CA ARG A 458 8.53 -25.67 13.68
C ARG A 458 8.55 -27.18 13.87
N GLY A 459 8.88 -27.64 15.08
CA GLY A 459 9.06 -29.06 15.31
C GLY A 459 7.92 -29.73 16.05
N MET A 460 6.96 -28.93 16.52
CA MET A 460 5.91 -29.45 17.40
C MET A 460 4.67 -29.94 16.67
N ASP A 461 4.42 -29.47 15.44
CA ASP A 461 3.14 -29.71 14.77
C ASP A 461 3.36 -30.22 13.36
N ASP A 462 2.61 -31.26 12.99
CA ASP A 462 2.63 -31.74 11.62
C ASP A 462 1.92 -30.77 10.67
N ARG A 463 1.10 -29.87 11.20
CA ARG A 463 0.36 -28.91 10.39
C ARG A 463 -0.43 -27.95 11.28
N GLY A 464 -0.14 -26.66 11.18
CA GLY A 464 -0.95 -25.67 11.86
C GLY A 464 -2.28 -25.46 11.14
N ILE A 465 -3.25 -24.93 11.88
CA ILE A 465 -4.59 -24.75 11.35
C ILE A 465 -5.05 -23.32 11.61
N VAL A 466 -5.85 -22.81 10.67
CA VAL A 466 -6.34 -21.43 10.70
C VAL A 466 -7.85 -21.49 10.54
N ILE A 467 -8.57 -20.75 11.39
CA ILE A 467 -10.02 -20.72 11.40
C ILE A 467 -10.47 -19.28 11.24
N LEU A 468 -11.38 -19.04 10.29
CA LEU A 468 -11.85 -17.70 9.97
C LEU A 468 -13.36 -17.66 10.10
N MET A 469 -13.86 -16.75 10.93
CA MET A 469 -15.29 -16.60 11.18
C MET A 469 -15.84 -15.48 10.31
N VAL A 470 -16.82 -15.81 9.47
CA VAL A 470 -17.43 -14.86 8.55
C VAL A 470 -18.87 -14.60 9.00
N ASP A 471 -19.30 -13.35 8.87
CA ASP A 471 -20.68 -12.97 9.16
C ASP A 471 -21.37 -12.27 8.00
N GLU A 472 -20.63 -11.88 6.96
CA GLU A 472 -21.19 -11.23 5.78
C GLU A 472 -20.81 -12.04 4.54
N LYS A 473 -21.71 -12.03 3.56
CA LYS A 473 -21.48 -12.79 2.34
C LYS A 473 -20.16 -12.38 1.69
N MET A 474 -19.47 -13.36 1.11
CA MET A 474 -18.13 -13.17 0.58
C MET A 474 -18.03 -13.83 -0.79
N SER A 475 -17.61 -13.06 -1.79
CA SER A 475 -17.45 -13.59 -3.13
C SER A 475 -16.34 -14.64 -3.16
N PRO A 476 -16.44 -15.65 -4.03
CA PRO A 476 -15.35 -16.63 -4.09
C PRO A 476 -14.04 -16.06 -4.57
N THR A 477 -14.07 -15.14 -5.55
CA THR A 477 -12.83 -14.59 -6.07
C THR A 477 -12.03 -13.87 -4.98
N ILE A 478 -12.72 -13.12 -4.12
CA ILE A 478 -12.01 -12.42 -3.05
C ILE A 478 -11.55 -13.41 -1.99
N GLY A 479 -12.31 -14.48 -1.76
CA GLY A 479 -11.88 -15.51 -0.83
C GLY A 479 -10.60 -16.20 -1.30
N LYS A 480 -10.50 -16.46 -2.60
CA LYS A 480 -9.27 -17.04 -3.15
C LYS A 480 -8.11 -16.05 -3.06
N GLN A 481 -8.37 -14.78 -3.33
CA GLN A 481 -7.32 -13.76 -3.23
C GLN A 481 -6.92 -13.48 -1.80
N LEU A 482 -7.76 -13.85 -0.82
CA LEU A 482 -7.47 -13.55 0.57
C LEU A 482 -6.73 -14.69 1.27
N LEU A 483 -7.07 -15.94 0.95
CA LEU A 483 -6.47 -17.10 1.61
C LEU A 483 -5.19 -17.56 0.92
N LYS A 484 -5.18 -17.57 -0.41
CA LYS A 484 -4.04 -18.02 -1.18
C LYS A 484 -3.33 -16.87 -1.90
N GLY A 485 -3.84 -15.64 -1.77
CA GLY A 485 -3.28 -14.54 -2.53
C GLY A 485 -1.98 -14.01 -1.95
N SER A 486 -1.11 -13.56 -2.84
CA SER A 486 0.18 -13.04 -2.42
C SER A 486 -0.01 -11.83 -1.51
N ALA A 487 1.03 -11.53 -0.74
CA ALA A 487 0.99 -10.38 0.16
C ALA A 487 0.92 -9.09 -0.64
N ASP A 488 0.35 -8.07 -0.03
CA ASP A 488 0.26 -6.76 -0.69
C ASP A 488 1.67 -6.22 -0.93
N PRO A 489 1.92 -5.56 -2.06
CA PRO A 489 3.26 -5.05 -2.34
C PRO A 489 3.74 -4.10 -1.25
N LEU A 490 5.06 -3.96 -1.17
CA LEU A 490 5.71 -3.14 -0.14
C LEU A 490 5.99 -1.76 -0.75
N ASN A 491 5.04 -0.85 -0.57
CA ASN A 491 5.12 0.49 -1.14
C ASN A 491 5.46 1.51 -0.06
N SER A 492 6.32 2.46 -0.42
CA SER A 492 6.75 3.49 0.52
C SER A 492 5.60 4.41 0.88
N ALA A 493 5.54 4.77 2.17
CA ALA A 493 4.62 5.78 2.67
C ALA A 493 5.36 7.06 3.04
N PHE A 494 6.47 7.33 2.35
CA PHE A 494 7.32 8.45 2.70
C PHE A 494 6.56 9.77 2.59
N HIS A 495 6.71 10.62 3.60
CA HIS A 495 6.15 11.96 3.58
C HIS A 495 7.10 12.88 4.32
N LEU A 496 6.88 14.18 4.15
CA LEU A 496 7.76 15.19 4.73
C LEU A 496 7.34 15.50 6.16
N THR A 497 8.32 15.89 6.97
CA THR A 497 8.09 16.28 8.35
C THR A 497 9.04 17.41 8.70
N TYR A 498 8.54 18.38 9.48
CA TYR A 498 9.37 19.50 9.87
C TYR A 498 10.64 19.03 10.57
N ASN A 499 10.53 17.98 11.39
CA ASN A 499 11.69 17.46 12.10
C ASN A 499 12.75 16.97 11.12
N MET A 500 12.29 16.38 10.00
CA MET A 500 13.23 15.90 8.99
C MET A 500 13.89 17.06 8.27
N VAL A 501 13.08 18.02 7.80
CA VAL A 501 13.62 19.16 7.07
C VAL A 501 14.66 19.89 7.91
N LEU A 502 14.31 20.22 9.15
CA LEU A 502 15.22 20.98 10.00
C LEU A 502 16.54 20.25 10.20
N ASN A 503 16.48 18.95 10.50
CA ASN A 503 17.71 18.20 10.71
C ASN A 503 18.55 18.15 9.44
N LEU A 504 17.90 18.15 8.27
CA LEU A 504 18.65 18.14 7.02
C LEU A 504 19.27 19.50 6.72
N LEU A 505 18.63 20.59 7.16
CA LEU A 505 19.27 21.90 7.06
C LEU A 505 20.39 22.05 8.06
N ARG A 506 20.39 21.28 9.15
CA ARG A 506 21.46 21.41 10.13
C ARG A 506 22.75 20.78 9.61
N VAL A 507 22.67 19.57 9.07
CA VAL A 507 23.83 18.97 8.44
C VAL A 507 24.19 19.78 7.20
N GLU A 508 25.48 20.07 7.04
CA GLU A 508 25.95 20.88 5.93
C GLU A 508 26.42 20.03 4.74
N GLU A 509 25.93 18.79 4.65
CA GLU A 509 26.25 17.91 3.53
C GLU A 509 25.04 17.54 2.69
N ILE A 510 23.84 17.50 3.28
CA ILE A 510 22.65 17.02 2.59
C ILE A 510 21.61 18.13 2.62
N ASN A 511 20.67 18.05 1.68
CA ASN A 511 19.54 18.96 1.58
C ASN A 511 18.26 18.15 1.45
N PRO A 512 17.12 18.72 1.86
CA PRO A 512 15.86 17.97 1.75
C PRO A 512 15.55 17.50 0.35
N GLU A 513 15.95 18.26 -0.68
CA GLU A 513 15.77 17.80 -2.05
C GLU A 513 16.41 16.43 -2.25
N TYR A 514 17.60 16.21 -1.67
CA TYR A 514 18.25 14.91 -1.78
C TYR A 514 17.39 13.82 -1.16
N MET A 515 16.83 14.08 0.03
CA MET A 515 16.04 13.07 0.72
C MET A 515 14.87 12.61 -0.13
N LEU A 516 14.26 13.52 -0.90
CA LEU A 516 13.12 13.16 -1.73
C LEU A 516 13.56 12.42 -2.99
N GLU A 517 14.58 12.92 -3.67
CA GLU A 517 15.03 12.28 -4.91
C GLU A 517 15.49 10.85 -4.67
N LYS A 518 16.00 10.56 -3.48
CA LYS A 518 16.58 9.26 -3.16
C LYS A 518 15.64 8.38 -2.35
N SER A 519 14.38 8.78 -2.20
CA SER A 519 13.42 7.99 -1.44
C SER A 519 12.90 6.82 -2.27
N PHE A 520 12.45 5.77 -1.57
CA PHE A 520 11.82 4.65 -2.25
C PHE A 520 10.50 5.05 -2.86
N TYR A 521 9.78 5.99 -2.24
CA TYR A 521 8.56 6.53 -2.82
C TYR A 521 8.83 7.10 -4.21
N GLN A 522 9.90 7.88 -4.35
CA GLN A 522 10.22 8.46 -5.65
C GLN A 522 10.80 7.43 -6.60
N PHE A 523 11.52 6.45 -6.07
CA PHE A 523 12.08 5.39 -6.91
C PHE A 523 10.96 4.59 -7.58
N GLN A 524 9.85 4.39 -6.88
CA GLN A 524 8.74 3.62 -7.43
C GLN A 524 8.01 4.40 -8.53
N HIS A 525 7.92 5.73 -8.40
CA HIS A 525 7.37 6.55 -9.46
C HIS A 525 8.41 6.96 -10.49
N TYR A 526 9.68 6.68 -10.23
CA TYR A 526 10.73 6.76 -11.24
C TYR A 526 10.84 5.48 -12.06
N ARG A 527 10.02 4.48 -11.76
CA ARG A 527 10.18 3.14 -12.33
C ARG A 527 9.71 3.06 -13.78
N ALA A 528 8.92 4.01 -14.26
CA ALA A 528 8.48 4.01 -15.64
C ALA A 528 9.47 4.69 -16.58
N ILE A 529 10.41 5.48 -16.03
CA ILE A 529 11.35 6.19 -16.90
C ILE A 529 12.25 5.25 -17.68
N PRO A 530 12.77 4.16 -17.11
CA PRO A 530 13.67 3.29 -17.87
C PRO A 530 13.14 2.90 -19.24
N GLY A 531 11.96 2.28 -19.29
CA GLY A 531 11.41 1.84 -20.56
C GLY A 531 11.05 2.99 -21.48
N VAL A 532 10.65 4.13 -20.91
CA VAL A 532 10.18 5.26 -21.73
C VAL A 532 11.35 5.88 -22.49
N VAL A 533 12.43 6.20 -21.79
CA VAL A 533 13.53 6.94 -22.42
C VAL A 533 14.17 6.11 -23.51
N GLU A 534 14.30 4.79 -23.29
CA GLU A 534 14.89 3.93 -24.31
C GLU A 534 14.06 3.95 -25.59
N LYS A 535 12.73 4.01 -25.45
CA LYS A 535 11.86 4.01 -26.62
C LYS A 535 11.88 5.35 -27.34
N VAL A 536 12.11 6.45 -26.61
CA VAL A 536 12.11 7.77 -27.23
C VAL A 536 13.28 7.90 -28.20
N LYS A 537 14.46 7.41 -27.81
CA LYS A 537 15.62 7.48 -28.69
C LYS A 537 15.45 6.57 -29.90
N ASN A 538 15.16 5.28 -29.65
CA ASN A 538 14.91 4.35 -30.74
C ASN A 538 13.88 4.93 -31.72
N SER A 539 12.80 5.52 -31.19
CA SER A 539 11.81 6.15 -32.05
C SER A 539 12.37 7.40 -32.70
N GLU A 540 13.01 8.28 -31.90
CA GLU A 540 13.64 9.46 -32.46
C GLU A 540 14.60 9.10 -33.59
N GLU A 541 15.19 7.91 -33.53
CA GLU A 541 16.02 7.43 -34.63
C GLU A 541 15.17 6.95 -35.79
N GLN A 542 14.14 6.14 -35.51
CA GLN A 542 13.23 5.69 -36.55
C GLN A 542 12.47 6.86 -37.18
N TYR A 543 12.35 7.98 -36.47
CA TYR A 543 11.66 9.14 -37.01
C TYR A 543 12.52 9.87 -38.05
N ASN A 544 13.82 10.01 -37.77
CA ASN A 544 14.70 10.70 -38.70
C ASN A 544 15.01 9.84 -39.92
N LYS A 545 14.77 8.53 -39.86
CA LYS A 545 15.02 7.67 -41.01
C LYS A 545 13.88 7.71 -42.01
N ILE A 546 12.63 7.69 -41.53
CA ILE A 546 11.47 7.79 -42.40
C ILE A 546 11.24 9.25 -42.79
N VAL A 547 12.16 10.13 -42.39
CA VAL A 547 12.10 11.54 -42.77
C VAL A 547 12.64 11.69 -44.18
N ILE A 548 11.95 11.10 -45.16
CA ILE A 548 12.35 11.21 -46.56
C ILE A 548 11.22 11.74 -47.44
N PRO A 549 10.24 12.48 -46.93
CA PRO A 549 9.19 12.98 -47.83
C PRO A 549 9.77 14.01 -48.80
N ASN A 550 9.32 13.90 -50.06
CA ASN A 550 9.87 14.75 -51.11
C ASN A 550 9.87 16.21 -50.71
N GLU A 551 8.75 16.69 -50.17
CA GLU A 551 8.62 18.09 -49.83
C GLU A 551 7.84 18.24 -48.52
N GLU A 552 7.91 19.44 -47.94
CA GLU A 552 7.27 19.70 -46.66
C GLU A 552 5.81 20.06 -46.79
N SER A 553 5.36 20.45 -47.98
CA SER A 553 3.93 20.75 -48.18
C SER A 553 3.07 19.51 -47.97
N VAL A 554 3.64 18.32 -48.09
CA VAL A 554 2.86 17.09 -47.94
C VAL A 554 2.18 17.05 -46.58
N VAL A 555 2.88 17.49 -45.53
CA VAL A 555 2.31 17.42 -44.18
C VAL A 555 1.00 18.19 -44.13
N ILE A 556 0.90 19.30 -44.87
CA ILE A 556 -0.34 20.07 -44.89
C ILE A 556 -1.48 19.25 -45.47
N TYR A 557 -1.21 18.55 -46.58
CA TYR A 557 -2.22 17.68 -47.17
C TYR A 557 -2.62 16.59 -46.18
N TYR A 558 -1.65 15.92 -45.58
CA TYR A 558 -1.93 14.86 -44.62
C TYR A 558 -2.85 15.36 -43.51
N LYS A 559 -2.51 16.51 -42.90
CA LYS A 559 -3.33 17.04 -41.83
C LYS A 559 -4.73 17.38 -42.31
N ILE A 560 -4.86 17.86 -43.55
CA ILE A 560 -6.18 18.15 -44.10
C ILE A 560 -7.01 16.88 -44.14
N ARG A 561 -6.49 15.82 -44.77
CA ARG A 561 -7.24 14.57 -44.85
C ARG A 561 -7.52 14.01 -43.46
N GLN A 562 -6.56 14.12 -42.54
CA GLN A 562 -6.77 13.64 -41.18
C GLN A 562 -7.95 14.35 -40.52
N GLN A 563 -8.08 15.66 -40.76
CA GLN A 563 -9.22 16.38 -40.22
C GLN A 563 -10.51 15.90 -40.86
N LEU A 564 -10.53 15.77 -42.19
CA LEU A 564 -11.73 15.27 -42.86
C LEU A 564 -12.15 13.92 -42.31
N ALA A 565 -11.19 13.06 -41.98
CA ALA A 565 -11.53 11.75 -41.43
C ALA A 565 -12.13 11.87 -40.04
N LYS A 566 -11.60 12.77 -39.21
CA LYS A 566 -12.21 13.04 -37.91
C LYS A 566 -13.64 13.57 -38.08
N LEU A 567 -13.81 14.57 -38.93
CA LEU A 567 -15.15 15.06 -39.24
C LEU A 567 -16.02 13.94 -39.78
N GLY A 568 -15.50 13.19 -40.75
CA GLY A 568 -16.26 12.07 -41.29
C GLY A 568 -16.84 11.18 -40.20
N LYS A 569 -16.00 10.76 -39.26
CA LYS A 569 -16.47 9.91 -38.17
C LYS A 569 -17.52 10.62 -37.33
N GLU A 570 -17.37 11.94 -37.13
CA GLU A 570 -18.35 12.68 -36.35
C GLU A 570 -19.72 12.66 -37.01
N ILE A 571 -19.75 12.82 -38.34
CA ILE A 571 -21.03 12.76 -39.06
C ILE A 571 -21.65 11.38 -38.87
N GLU A 572 -20.85 10.33 -38.98
CA GLU A 572 -21.37 8.97 -38.82
C GLU A 572 -22.10 8.80 -37.48
N GLU A 573 -21.52 9.34 -36.41
CA GLU A 573 -22.13 9.19 -35.10
C GLU A 573 -23.55 9.74 -35.08
N TYR A 574 -23.77 10.90 -35.71
CA TYR A 574 -25.12 11.44 -35.80
C TYR A 574 -26.03 10.52 -36.62
N ILE A 575 -25.48 9.92 -37.68
CA ILE A 575 -26.25 8.99 -38.49
C ILE A 575 -26.42 7.64 -37.80
N HIS A 576 -25.55 7.31 -36.84
CA HIS A 576 -25.71 6.06 -36.10
C HIS A 576 -26.95 6.11 -35.21
N LYS A 577 -27.24 7.28 -34.62
CA LYS A 577 -28.35 7.44 -33.69
C LYS A 577 -29.59 6.74 -34.26
N PRO A 578 -30.06 5.66 -33.62
CA PRO A 578 -31.22 4.94 -34.19
C PRO A 578 -32.47 5.80 -34.27
N LYS A 579 -32.61 6.81 -33.40
CA LYS A 579 -33.74 7.71 -33.47
C LYS A 579 -33.82 8.43 -34.81
N TYR A 580 -32.71 8.49 -35.55
CA TYR A 580 -32.64 9.21 -36.80
C TYR A 580 -32.57 8.33 -38.03
N CYS A 581 -31.83 7.22 -37.97
CA CYS A 581 -31.58 6.39 -39.14
C CYS A 581 -32.54 5.22 -39.30
N LEU A 582 -33.05 4.67 -38.20
CA LEU A 582 -33.96 3.53 -38.32
C LEU A 582 -35.12 3.78 -39.27
N PRO A 583 -35.78 4.93 -39.27
CA PRO A 583 -36.92 5.12 -40.19
C PRO A 583 -36.56 4.96 -41.65
N PHE A 584 -35.30 5.12 -42.03
CA PHE A 584 -34.89 5.05 -43.44
C PHE A 584 -34.22 3.71 -43.78
N LEU A 585 -34.33 2.71 -42.91
CA LEU A 585 -33.78 1.39 -43.19
C LEU A 585 -34.85 0.49 -43.82
N GLN A 586 -35.31 0.91 -44.99
CA GLN A 586 -36.26 0.10 -45.74
C GLN A 586 -35.53 -0.92 -46.60
N PRO A 587 -36.13 -2.09 -46.84
CA PRO A 587 -35.45 -3.11 -47.65
C PRO A 587 -35.02 -2.56 -49.00
N GLY A 588 -33.78 -2.85 -49.38
CA GLY A 588 -33.22 -2.35 -50.61
C GLY A 588 -32.43 -1.07 -50.47
N ARG A 589 -32.40 -0.46 -49.28
CA ARG A 589 -31.65 0.76 -49.07
C ARG A 589 -30.16 0.48 -49.12
N LEU A 590 -29.42 1.31 -49.86
CA LEU A 590 -27.98 1.17 -49.95
C LEU A 590 -27.30 1.78 -48.73
N VAL A 591 -26.37 1.04 -48.14
CA VAL A 591 -25.73 1.45 -46.89
C VAL A 591 -24.26 1.04 -46.94
N LYS A 592 -23.39 1.89 -46.41
CA LYS A 592 -21.97 1.62 -46.33
C LYS A 592 -21.62 1.32 -44.87
N VAL A 593 -20.83 0.27 -44.65
CA VAL A 593 -20.57 -0.25 -43.31
C VAL A 593 -19.07 -0.36 -43.11
N LYS A 594 -18.60 0.09 -41.95
CA LYS A 594 -17.20 -0.03 -41.55
C LYS A 594 -17.17 -0.40 -40.07
N ASN A 595 -16.27 -1.32 -39.71
CA ASN A 595 -16.06 -1.67 -38.32
C ASN A 595 -14.58 -1.71 -38.00
N GLU A 596 -14.16 -0.94 -36.99
CA GLU A 596 -12.80 -1.00 -36.45
C GLU A 596 -11.74 -0.92 -37.55
N GLY A 597 -12.08 -0.27 -38.66
CA GLY A 597 -11.13 -0.10 -39.75
C GLY A 597 -11.63 -0.63 -41.08
N ASP A 598 -11.62 -1.96 -41.24
CA ASP A 598 -11.98 -2.55 -42.52
C ASP A 598 -13.45 -2.28 -42.84
N ASP A 599 -13.73 -2.15 -44.14
CA ASP A 599 -15.08 -1.88 -44.62
C ASP A 599 -15.43 -2.88 -45.71
N PHE A 600 -16.74 -3.01 -45.96
CA PHE A 600 -17.27 -3.93 -46.95
C PHE A 600 -17.84 -3.19 -48.16
N GLY A 601 -17.37 -1.98 -48.41
CA GLY A 601 -17.97 -1.18 -49.47
C GLY A 601 -19.43 -0.93 -49.17
N TRP A 602 -20.25 -1.03 -50.22
CA TRP A 602 -21.68 -0.79 -50.10
C TRP A 602 -22.44 -2.10 -49.91
N GLY A 603 -23.72 -1.97 -49.59
CA GLY A 603 -24.57 -3.12 -49.36
C GLY A 603 -26.01 -2.69 -49.25
N VAL A 604 -26.90 -3.67 -49.40
CA VAL A 604 -28.34 -3.43 -49.42
C VAL A 604 -28.97 -4.07 -48.19
N VAL A 605 -29.88 -3.34 -47.55
CA VAL A 605 -30.56 -3.85 -46.37
C VAL A 605 -31.75 -4.71 -46.79
N VAL A 606 -32.14 -5.62 -45.89
CA VAL A 606 -33.26 -6.52 -46.12
C VAL A 606 -34.37 -6.33 -45.09
N ASN A 607 -34.00 -6.03 -43.85
CA ASN A 607 -34.94 -5.82 -42.75
C ASN A 607 -34.11 -5.64 -41.48
N PHE A 608 -34.74 -5.15 -40.43
CA PHE A 608 -34.04 -4.90 -39.19
C PHE A 608 -34.92 -5.27 -38.00
N SER A 609 -34.28 -5.48 -36.86
CA SER A 609 -34.95 -5.88 -35.63
C SER A 609 -34.01 -5.63 -34.46
N LYS A 610 -34.55 -5.73 -33.25
CA LYS A 610 -33.75 -5.53 -32.05
C LYS A 610 -32.82 -6.72 -31.82
N LYS A 611 -31.81 -6.48 -30.98
CA LYS A 611 -30.84 -7.51 -30.61
C LYS A 611 -30.76 -7.60 -29.09
N SER A 612 -30.08 -8.63 -28.62
CA SER A 612 -29.90 -8.87 -27.20
C SER A 612 -31.24 -8.89 -26.47
N LEU A 624 -29.61 -1.86 -28.40
CA LEU A 624 -28.92 -2.07 -29.67
C LEU A 624 -29.86 -2.65 -30.71
N TYR A 625 -29.60 -2.33 -31.98
CA TYR A 625 -30.40 -2.78 -33.09
C TYR A 625 -29.50 -3.44 -34.13
N VAL A 626 -30.09 -4.34 -34.92
CA VAL A 626 -29.37 -5.12 -35.91
C VAL A 626 -30.16 -5.11 -37.22
N VAL A 627 -29.44 -4.93 -38.32
CA VAL A 627 -30.02 -4.97 -39.65
C VAL A 627 -29.26 -5.99 -40.47
N GLU A 628 -29.98 -6.75 -41.29
CA GLU A 628 -29.37 -7.77 -42.14
C GLU A 628 -29.14 -7.17 -43.52
N VAL A 629 -27.89 -7.20 -43.97
CA VAL A 629 -27.45 -6.45 -45.14
C VAL A 629 -26.56 -7.34 -46.00
N LEU A 630 -26.80 -7.33 -47.31
CA LEU A 630 -25.90 -7.96 -48.25
C LEU A 630 -24.64 -7.12 -48.40
N LEU A 631 -23.47 -7.76 -48.33
CA LEU A 631 -22.20 -7.07 -48.45
C LEU A 631 -21.24 -7.92 -49.27
N ARG A 632 -20.18 -7.29 -49.74
CA ARG A 632 -19.13 -7.97 -50.50
C ARG A 632 -18.06 -8.48 -49.55
N CYS A 633 -17.83 -9.78 -49.56
CA CYS A 633 -16.88 -10.42 -48.66
C CYS A 633 -15.82 -11.20 -49.42
N ALA A 645 -19.11 -13.27 -39.24
CA ALA A 645 -17.74 -13.53 -38.87
C ALA A 645 -16.79 -13.44 -40.07
N ALA A 646 -17.36 -13.16 -41.24
CA ALA A 646 -16.57 -13.06 -42.45
C ALA A 646 -15.91 -11.69 -42.57
N LYS A 647 -14.95 -11.59 -43.47
CA LYS A 647 -14.22 -10.37 -43.73
C LYS A 647 -14.55 -9.82 -45.11
N PRO A 648 -14.30 -8.53 -45.36
CA PRO A 648 -14.69 -7.93 -46.64
C PRO A 648 -13.89 -8.51 -47.80
N ALA A 649 -14.38 -8.23 -48.99
CA ALA A 649 -13.71 -8.67 -50.21
C ALA A 649 -12.52 -7.77 -50.50
N LYS A 650 -11.45 -8.37 -51.01
CA LYS A 650 -10.23 -7.65 -51.32
C LYS A 650 -10.40 -6.89 -52.63
N PRO A 651 -9.48 -5.96 -52.92
CA PRO A 651 -9.65 -5.17 -54.16
C PRO A 651 -9.53 -6.00 -55.42
N ASP A 652 -8.59 -6.94 -55.48
CA ASP A 652 -8.43 -7.77 -56.67
C ASP A 652 -9.54 -8.79 -56.82
N GLU A 653 -10.22 -9.16 -55.74
CA GLU A 653 -11.27 -10.16 -55.81
C GLU A 653 -12.52 -9.59 -56.47
N LYS A 654 -13.18 -10.41 -57.28
CA LYS A 654 -14.45 -10.00 -57.87
C LYS A 654 -15.54 -9.90 -56.82
N GLY A 655 -15.48 -10.72 -55.78
CA GLY A 655 -16.39 -10.63 -54.65
C GLY A 655 -17.57 -11.59 -54.79
N GLU A 656 -18.18 -11.88 -53.65
CA GLU A 656 -19.37 -12.72 -53.58
C GLU A 656 -20.28 -12.18 -52.50
N MET A 657 -21.49 -11.76 -52.90
CA MET A 657 -22.42 -11.15 -51.96
C MET A 657 -22.90 -12.19 -50.95
N GLN A 658 -23.05 -11.75 -49.69
CA GLN A 658 -23.53 -12.59 -48.62
C GLN A 658 -24.27 -11.72 -47.62
N VAL A 659 -25.41 -12.22 -47.12
CA VAL A 659 -26.22 -11.48 -46.16
C VAL A 659 -25.70 -11.76 -44.76
N VAL A 660 -25.52 -10.71 -43.98
CA VAL A 660 -24.97 -10.84 -42.62
C VAL A 660 -25.64 -9.84 -41.70
N PRO A 661 -25.96 -10.20 -40.46
CA PRO A 661 -26.47 -9.20 -39.50
C PRO A 661 -25.35 -8.35 -38.95
N VAL A 662 -25.60 -7.03 -38.90
CA VAL A 662 -24.62 -6.07 -38.41
C VAL A 662 -25.31 -5.07 -37.51
N LEU A 663 -24.59 -4.59 -36.50
CA LEU A 663 -25.12 -3.57 -35.60
C LEU A 663 -25.38 -2.27 -36.36
N VAL A 664 -26.36 -1.51 -35.86
CA VAL A 664 -26.73 -0.27 -36.54
C VAL A 664 -25.68 0.82 -36.32
N HIS A 665 -24.90 0.75 -35.25
CA HIS A 665 -23.83 1.72 -35.02
C HIS A 665 -22.56 1.39 -35.82
N LEU A 666 -22.69 0.56 -36.85
CA LEU A 666 -21.60 0.24 -37.76
C LEU A 666 -21.85 0.78 -39.16
N LEU A 667 -22.85 1.64 -39.32
CA LEU A 667 -23.21 2.20 -40.63
C LEU A 667 -22.54 3.55 -40.79
N SER A 668 -21.69 3.68 -41.81
CA SER A 668 -20.98 4.93 -42.02
C SER A 668 -21.82 5.93 -42.81
N ALA A 669 -22.51 5.47 -43.85
CA ALA A 669 -23.31 6.34 -44.68
C ALA A 669 -24.60 5.64 -45.07
N ILE A 670 -25.60 6.44 -45.47
CA ILE A 670 -26.89 5.94 -45.92
C ILE A 670 -27.27 6.72 -47.17
N SER A 671 -27.74 6.02 -48.19
CA SER A 671 -27.99 6.62 -49.49
C SER A 671 -29.46 6.99 -49.65
N SER A 672 -29.73 7.82 -50.65
CA SER A 672 -31.11 8.12 -51.05
C SER A 672 -31.72 7.01 -51.89
N VAL A 673 -30.88 6.13 -52.46
CA VAL A 673 -31.35 5.13 -53.40
C VAL A 673 -31.85 3.91 -52.65
N ARG A 674 -32.92 3.31 -53.18
CA ARG A 674 -33.43 2.01 -52.72
C ARG A 674 -33.54 1.13 -53.96
N LEU A 675 -32.56 0.27 -54.19
CA LEU A 675 -32.64 -0.62 -55.33
C LEU A 675 -33.53 -1.81 -55.01
N TYR A 676 -34.13 -2.38 -56.05
CA TYR A 676 -35.07 -3.48 -55.88
C TYR A 676 -34.32 -4.79 -55.67
N ILE A 677 -34.84 -5.61 -54.77
CA ILE A 677 -34.19 -6.87 -54.39
C ILE A 677 -35.13 -8.03 -54.68
N PRO A 678 -34.63 -9.24 -54.90
CA PRO A 678 -35.51 -10.38 -55.14
C PRO A 678 -36.17 -10.87 -53.87
N LYS A 679 -37.37 -11.45 -54.05
CA LYS A 679 -38.14 -11.92 -52.90
C LYS A 679 -37.36 -12.99 -52.13
N ASP A 680 -36.92 -14.04 -52.81
CA ASP A 680 -36.18 -15.14 -52.19
C ASP A 680 -34.69 -14.95 -52.51
N LEU A 681 -33.93 -14.48 -51.53
CA LEU A 681 -32.51 -14.21 -51.69
C LEU A 681 -31.65 -15.43 -51.37
N ARG A 682 -32.26 -16.60 -51.16
CA ARG A 682 -31.47 -17.80 -50.88
C ARG A 682 -30.50 -18.15 -52.01
N PRO A 683 -30.87 -18.08 -53.29
CA PRO A 683 -29.95 -18.51 -54.34
C PRO A 683 -28.69 -17.65 -54.41
N VAL A 684 -27.63 -18.25 -54.93
CA VAL A 684 -26.40 -17.51 -55.17
C VAL A 684 -26.54 -16.60 -56.38
N ASP A 685 -27.24 -17.07 -57.41
CA ASP A 685 -27.38 -16.27 -58.63
C ASP A 685 -28.09 -14.95 -58.36
N ASN A 686 -29.08 -14.98 -57.47
CA ASN A 686 -29.77 -13.73 -57.12
C ASN A 686 -28.85 -12.79 -56.34
N ARG A 687 -28.01 -13.34 -55.47
CA ARG A 687 -27.06 -12.50 -54.76
C ARG A 687 -26.09 -11.82 -55.72
N GLN A 688 -25.63 -12.56 -56.73
CA GLN A 688 -24.81 -11.93 -57.78
C GLN A 688 -25.61 -10.90 -58.54
N SER A 689 -26.89 -11.18 -58.82
CA SER A 689 -27.72 -10.23 -59.53
C SER A 689 -27.80 -8.89 -58.81
N VAL A 690 -27.89 -8.93 -57.48
CA VAL A 690 -27.89 -7.69 -56.70
C VAL A 690 -26.56 -6.98 -56.84
N LEU A 691 -25.46 -7.74 -56.80
CA LEU A 691 -24.14 -7.14 -56.97
C LEU A 691 -24.01 -6.46 -58.32
N LYS A 692 -24.64 -7.02 -59.35
CA LYS A 692 -24.62 -6.38 -60.67
C LYS A 692 -25.58 -5.20 -60.74
N SER A 693 -26.67 -5.24 -59.98
CA SER A 693 -27.59 -4.11 -59.95
C SER A 693 -26.94 -2.89 -59.31
N ILE A 694 -26.16 -3.09 -58.25
CA ILE A 694 -25.46 -1.97 -57.62
C ILE A 694 -24.34 -1.47 -58.52
N GLN A 695 -23.69 -2.37 -59.26
CA GLN A 695 -22.68 -1.93 -60.22
C GLN A 695 -23.28 -0.98 -61.25
N GLU A 696 -24.56 -1.18 -61.60
CA GLU A 696 -25.23 -0.29 -62.54
C GLU A 696 -25.66 1.01 -61.87
N VAL A 697 -25.97 0.97 -60.56
CA VAL A 697 -26.30 2.20 -59.85
C VAL A 697 -25.07 3.08 -59.71
N GLN A 698 -23.92 2.49 -59.36
CA GLN A 698 -22.69 3.26 -59.28
C GLN A 698 -22.35 3.91 -60.61
N LYS A 699 -22.80 3.32 -61.72
CA LYS A 699 -22.58 3.91 -63.03
C LYS A 699 -23.52 5.09 -63.27
N ARG A 700 -24.79 4.93 -62.93
CA ARG A 700 -25.75 6.02 -63.09
C ARG A 700 -25.41 7.23 -62.22
N PHE A 701 -24.49 7.08 -61.27
CA PHE A 701 -24.05 8.19 -60.42
C PHE A 701 -22.55 8.12 -60.25
N PRO A 702 -21.78 8.57 -61.26
CA PRO A 702 -20.33 8.59 -61.10
C PRO A 702 -19.85 9.61 -60.07
N ASP A 703 -20.62 10.67 -59.84
CA ASP A 703 -20.26 11.63 -58.81
C ASP A 703 -20.30 11.03 -57.41
N GLY A 704 -20.79 9.80 -57.26
CA GLY A 704 -20.89 9.16 -55.97
C GLY A 704 -22.34 8.83 -55.65
N ILE A 705 -22.57 7.71 -54.97
CA ILE A 705 -23.93 7.28 -54.64
C ILE A 705 -24.53 8.35 -53.71
N PRO A 706 -25.68 8.92 -54.06
CA PRO A 706 -26.18 10.06 -53.28
C PRO A 706 -26.54 9.66 -51.85
N LEU A 707 -26.18 10.53 -50.91
CA LEU A 707 -26.45 10.32 -49.49
C LEU A 707 -27.62 11.17 -49.03
N LEU A 708 -28.24 10.74 -47.93
CA LEU A 708 -29.35 11.45 -47.34
C LEU A 708 -28.83 12.68 -46.59
N ASP A 709 -29.36 13.86 -46.94
CA ASP A 709 -29.07 15.07 -46.18
C ASP A 709 -29.52 14.84 -44.74
N PRO A 710 -28.60 14.81 -43.77
CA PRO A 710 -29.01 14.49 -42.40
C PRO A 710 -30.01 15.47 -41.80
N ILE A 711 -30.15 16.66 -42.38
CA ILE A 711 -31.07 17.67 -41.87
C ILE A 711 -32.33 17.75 -42.72
N ASP A 712 -32.18 17.93 -44.03
CA ASP A 712 -33.34 18.07 -44.90
C ASP A 712 -34.12 16.76 -45.02
N ASP A 713 -33.48 15.62 -44.79
CA ASP A 713 -34.11 14.32 -44.99
C ASP A 713 -34.22 13.52 -43.71
N MET A 714 -33.14 13.42 -42.92
CA MET A 714 -33.16 12.58 -41.73
C MET A 714 -33.72 13.29 -40.50
N GLY A 715 -33.67 14.61 -40.47
CA GLY A 715 -34.30 15.37 -39.41
C GLY A 715 -33.43 15.63 -38.19
N ILE A 716 -32.11 15.63 -38.34
CA ILE A 716 -31.21 15.92 -37.24
C ILE A 716 -31.10 17.44 -37.09
N GLN A 717 -31.94 18.01 -36.23
CA GLN A 717 -31.96 19.44 -36.00
C GLN A 717 -30.91 19.90 -34.99
N ASP A 718 -29.91 19.08 -34.72
CA ASP A 718 -28.88 19.43 -33.75
C ASP A 718 -27.96 20.49 -34.33
N GLN A 719 -27.56 21.45 -33.47
CA GLN A 719 -26.75 22.57 -33.92
C GLN A 719 -25.29 22.18 -34.14
N GLY A 720 -24.80 21.19 -33.41
CA GLY A 720 -23.41 20.79 -33.58
C GLY A 720 -23.13 20.12 -34.91
N LEU A 721 -24.13 19.45 -35.48
CA LEU A 721 -23.97 18.85 -36.80
C LEU A 721 -23.89 19.90 -37.90
N LYS A 722 -24.42 21.10 -37.65
CA LYS A 722 -24.30 22.18 -38.64
C LYS A 722 -22.83 22.58 -38.80
N LYS A 723 -22.18 22.92 -37.69
CA LYS A 723 -20.77 23.33 -37.74
C LYS A 723 -19.87 22.22 -38.24
N VAL A 724 -20.30 20.97 -38.17
CA VAL A 724 -19.49 19.86 -38.66
C VAL A 724 -19.56 19.77 -40.17
N ILE A 725 -20.76 19.93 -40.74
CA ILE A 725 -20.91 19.86 -42.19
C ILE A 725 -20.25 21.07 -42.85
N GLN A 726 -20.19 22.20 -42.15
CA GLN A 726 -19.50 23.36 -42.69
C GLN A 726 -18.00 23.11 -42.79
N LYS A 727 -17.41 22.53 -41.74
CA LYS A 727 -15.98 22.24 -41.77
C LYS A 727 -15.65 21.18 -42.82
N VAL A 728 -16.60 20.32 -43.15
CA VAL A 728 -16.35 19.29 -44.16
C VAL A 728 -16.21 19.93 -45.54
N GLU A 729 -17.20 20.70 -45.95
CA GLU A 729 -17.16 21.34 -47.26
C GLU A 729 -15.94 22.25 -47.39
N ALA A 730 -15.53 22.89 -46.30
CA ALA A 730 -14.38 23.77 -46.36
C ALA A 730 -13.08 22.98 -46.49
N PHE A 731 -12.95 21.88 -45.75
CA PHE A 731 -11.74 21.07 -45.83
C PHE A 731 -11.69 20.27 -47.13
N GLU A 732 -12.83 19.84 -47.65
CA GLU A 732 -12.85 19.22 -48.96
C GLU A 732 -12.39 20.19 -50.03
N HIS A 733 -12.77 21.46 -49.91
CA HIS A 733 -12.26 22.48 -50.82
C HIS A 733 -10.75 22.64 -50.67
N ARG A 734 -10.25 22.59 -49.42
CA ARG A 734 -8.80 22.69 -49.21
C ARG A 734 -8.07 21.47 -49.78
N MET A 735 -8.71 20.31 -49.75
CA MET A 735 -8.07 19.09 -50.22
C MET A 735 -7.88 19.12 -51.73
N TYR A 736 -8.96 19.33 -52.48
CA TYR A 736 -8.87 19.35 -53.94
C TYR A 736 -8.03 20.51 -54.45
N SER A 737 -7.81 21.53 -53.61
CA SER A 737 -6.94 22.65 -53.99
C SER A 737 -5.47 22.34 -53.80
N HIS A 738 -5.15 21.32 -53.01
CA HIS A 738 -3.75 21.06 -52.68
C HIS A 738 -3.01 20.56 -53.92
N PRO A 739 -1.82 21.10 -54.22
CA PRO A 739 -1.08 20.64 -55.41
C PRO A 739 -0.86 19.13 -55.45
N LEU A 740 -0.89 18.48 -54.29
CA LEU A 740 -0.59 17.04 -54.23
C LEU A 740 -1.79 16.17 -54.55
N HIS A 741 -3.01 16.70 -54.47
CA HIS A 741 -4.20 15.88 -54.66
C HIS A 741 -4.17 15.17 -56.02
N ASN A 742 -3.77 15.88 -57.07
CA ASN A 742 -3.75 15.30 -58.40
C ASN A 742 -2.55 14.39 -58.62
N ASP A 743 -1.46 14.61 -57.89
CA ASP A 743 -0.24 13.87 -58.12
C ASP A 743 -0.51 12.37 -58.03
N PRO A 744 -0.02 11.57 -58.99
CA PRO A 744 -0.19 10.11 -58.86
C PRO A 744 0.63 9.50 -57.74
N ASN A 745 1.74 10.13 -57.35
CA ASN A 745 2.54 9.64 -56.24
C ASN A 745 1.95 9.99 -54.89
N LEU A 746 0.80 10.67 -54.86
CA LEU A 746 0.19 11.08 -53.60
C LEU A 746 0.17 9.93 -52.59
N GLU A 747 -0.39 8.79 -52.99
CA GLU A 747 -0.55 7.68 -52.06
C GLU A 747 0.81 7.16 -51.58
N THR A 748 1.84 7.24 -52.43
CA THR A 748 3.17 6.81 -52.01
C THR A 748 3.77 7.76 -50.99
N VAL A 749 3.52 9.07 -51.15
CA VAL A 749 4.05 10.05 -50.20
C VAL A 749 3.12 10.22 -49.00
N TYR A 750 1.84 9.90 -49.15
CA TYR A 750 0.90 9.99 -48.03
C TYR A 750 1.06 8.85 -47.04
N THR A 751 1.67 7.74 -47.45
CA THR A 751 1.92 6.64 -46.53
C THR A 751 3.22 6.83 -45.75
N LEU A 752 4.26 7.38 -46.40
CA LEU A 752 5.46 7.76 -45.67
C LEU A 752 5.18 8.91 -44.71
N CYS A 753 4.21 9.76 -45.04
CA CYS A 753 3.82 10.83 -44.13
C CYS A 753 3.00 10.27 -42.96
N GLU A 754 2.17 9.26 -43.22
CA GLU A 754 1.40 8.64 -42.16
C GLU A 754 2.30 7.89 -41.19
N LYS A 755 3.33 7.22 -41.70
CA LYS A 755 4.28 6.54 -40.83
C LYS A 755 5.06 7.54 -39.99
N LYS A 756 5.66 8.56 -40.64
CA LYS A 756 6.40 9.56 -39.89
C LYS A 756 5.51 10.30 -38.90
N ALA A 757 4.20 10.35 -39.16
CA ALA A 757 3.30 11.04 -38.26
C ALA A 757 2.99 10.20 -37.03
N GLN A 758 2.89 8.89 -37.19
CA GLN A 758 2.63 8.02 -36.04
C GLN A 758 3.84 7.94 -35.13
N ILE A 759 5.04 7.83 -35.71
CA ILE A 759 6.26 7.83 -34.90
C ILE A 759 6.33 9.09 -34.06
N ALA A 760 5.89 10.23 -34.61
CA ALA A 760 5.87 11.47 -33.85
C ALA A 760 4.83 11.42 -32.73
N ILE A 761 3.70 10.75 -32.96
CA ILE A 761 2.69 10.61 -31.92
C ILE A 761 3.25 9.85 -30.73
N ASP A 762 4.05 8.83 -30.99
CA ASP A 762 4.65 8.06 -29.90
C ASP A 762 5.62 8.93 -29.10
N ILE A 763 6.48 9.68 -29.80
CA ILE A 763 7.44 10.55 -29.13
C ILE A 763 6.71 11.52 -28.20
N LYS A 764 5.55 12.02 -28.63
CA LYS A 764 4.80 12.97 -27.83
C LYS A 764 4.28 12.31 -26.55
N SER A 765 3.55 11.20 -26.68
CA SER A 765 3.02 10.51 -25.51
C SER A 765 4.13 9.95 -24.64
N ALA A 766 5.22 9.49 -25.26
CA ALA A 766 6.35 8.99 -24.48
C ALA A 766 6.95 10.10 -23.62
N LYS A 767 7.29 11.23 -24.24
CA LYS A 767 7.78 12.37 -23.47
C LYS A 767 6.77 12.82 -22.43
N ARG A 768 5.48 12.69 -22.74
CA ARG A 768 4.43 13.11 -21.79
C ARG A 768 4.57 12.35 -20.48
N GLU A 769 4.55 11.02 -20.54
CA GLU A 769 4.70 10.22 -19.32
C GLU A 769 6.09 10.38 -18.72
N LEU A 770 7.10 10.64 -19.55
CA LEU A 770 8.44 10.84 -19.05
C LEU A 770 8.54 12.12 -18.22
N LYS A 771 7.93 13.20 -18.69
CA LYS A 771 7.88 14.43 -17.89
C LYS A 771 7.07 14.24 -16.61
N LYS A 772 6.14 13.28 -16.60
CA LYS A 772 5.44 12.93 -15.36
C LYS A 772 6.32 12.05 -14.48
N ALA A 773 6.81 10.93 -15.02
CA ALA A 773 7.64 10.03 -14.24
C ALA A 773 8.86 10.74 -13.68
N ARG A 774 9.52 11.57 -14.49
CA ARG A 774 10.69 12.32 -14.05
C ARG A 774 10.36 13.35 -12.98
N THR A 775 9.08 13.67 -12.79
CA THR A 775 8.70 14.72 -11.86
C THR A 775 8.86 14.25 -10.41
N VAL A 776 9.34 15.15 -9.56
CA VAL A 776 9.32 14.95 -8.12
C VAL A 776 7.97 15.44 -7.60
N LEU A 777 7.25 14.57 -6.90
CA LEU A 777 5.84 14.83 -6.63
C LEU A 777 5.63 15.71 -5.41
N GLN A 778 6.52 15.64 -4.42
CA GLN A 778 6.32 16.31 -3.13
C GLN A 778 7.12 17.60 -3.00
N MET A 779 7.51 18.22 -4.12
CA MET A 779 8.25 19.48 -4.03
C MET A 779 7.36 20.62 -3.57
N ASP A 780 6.12 20.68 -4.05
CA ASP A 780 5.23 21.77 -3.66
C ASP A 780 5.02 21.79 -2.16
N GLU A 781 4.86 20.62 -1.55
CA GLU A 781 4.75 20.56 -0.09
C GLU A 781 6.02 21.12 0.56
N LEU A 782 7.18 20.70 0.06
CA LEU A 782 8.45 21.15 0.66
C LEU A 782 8.58 22.66 0.59
N LYS A 783 8.28 23.26 -0.57
CA LYS A 783 8.36 24.70 -0.70
C LYS A 783 7.45 25.38 0.31
N CYS A 784 6.27 24.80 0.57
CA CYS A 784 5.34 25.39 1.53
C CYS A 784 5.83 25.19 2.96
N ARG A 785 6.47 24.05 3.24
CA ARG A 785 6.96 23.81 4.60
C ARG A 785 8.20 24.65 4.89
N LYS A 786 9.09 24.79 3.91
CA LYS A 786 10.20 25.74 4.06
C LYS A 786 9.67 27.15 4.29
N ARG A 787 8.57 27.50 3.61
CA ARG A 787 7.98 28.83 3.80
C ARG A 787 7.48 29.00 5.23
N VAL A 788 6.90 27.96 5.80
CA VAL A 788 6.47 28.03 7.21
C VAL A 788 7.68 28.21 8.12
N LEU A 789 8.75 27.45 7.88
CA LEU A 789 9.94 27.58 8.72
C LEU A 789 10.57 28.95 8.59
N ARG A 790 10.46 29.58 7.42
CA ARG A 790 10.98 30.94 7.25
C ARG A 790 10.17 31.93 8.08
N ARG A 791 8.85 31.87 7.96
CA ARG A 791 7.99 32.86 8.61
C ARG A 791 8.06 32.76 10.14
N LEU A 792 8.25 31.55 10.66
CA LEU A 792 8.30 31.34 12.11
C LEU A 792 9.70 31.47 12.69
N GLY A 793 10.72 31.64 11.85
CA GLY A 793 12.06 31.93 12.34
C GLY A 793 12.88 30.71 12.72
N PHE A 794 12.48 29.52 12.28
CA PHE A 794 13.29 28.32 12.51
C PHE A 794 14.51 28.28 11.59
N ALA A 795 14.39 28.82 10.38
CA ALA A 795 15.52 28.90 9.46
C ALA A 795 15.40 30.18 8.64
N THR A 796 16.45 30.49 7.89
CA THR A 796 16.50 31.72 7.12
C THR A 796 15.99 31.49 5.71
N SER A 797 15.86 32.60 4.97
CA SER A 797 15.49 32.52 3.56
C SER A 797 16.49 31.70 2.75
N SER A 798 17.74 31.66 3.19
CA SER A 798 18.78 30.90 2.52
C SER A 798 18.87 29.46 3.02
N ASP A 799 17.85 28.98 3.74
CA ASP A 799 17.81 27.61 4.24
C ASP A 799 19.00 27.31 5.14
N VAL A 800 19.30 28.23 6.04
CA VAL A 800 20.31 28.04 7.08
C VAL A 800 19.59 27.99 8.41
N ILE A 801 19.95 27.02 9.25
CA ILE A 801 19.23 26.78 10.50
C ILE A 801 19.46 27.97 11.44
N GLU A 802 18.37 28.45 12.05
CA GLU A 802 18.46 29.42 13.13
C GLU A 802 18.43 28.70 14.46
N MET A 803 18.92 29.38 15.50
CA MET A 803 18.94 28.78 16.83
C MET A 803 17.59 28.16 17.17
N LYS A 804 16.50 28.87 16.85
CA LYS A 804 15.17 28.33 17.08
C LYS A 804 15.00 26.98 16.39
N GLY A 805 15.61 26.81 15.21
CA GLY A 805 15.51 25.54 14.53
C GLY A 805 16.24 24.42 15.25
N ARG A 806 17.45 24.72 15.75
CA ARG A 806 18.20 23.72 16.50
C ARG A 806 17.43 23.25 17.73
N VAL A 807 16.63 24.13 18.33
CA VAL A 807 15.77 23.73 19.44
C VAL A 807 14.74 22.71 18.97
N ALA A 808 14.08 22.99 17.84
CA ALA A 808 13.06 22.09 17.34
C ALA A 808 13.66 20.75 16.92
N CYS A 809 14.92 20.74 16.50
CA CYS A 809 15.54 19.49 16.06
C CYS A 809 15.53 18.43 17.16
N GLU A 810 15.65 18.85 18.42
CA GLU A 810 15.72 17.91 19.54
C GLU A 810 14.38 17.27 19.84
N ILE A 811 13.29 17.76 19.26
CA ILE A 811 11.95 17.22 19.50
C ILE A 811 11.56 16.40 18.28
N SER A 812 11.45 15.08 18.45
CA SER A 812 11.05 14.19 17.36
C SER A 812 9.81 13.38 17.67
N SER A 813 9.49 13.15 18.95
CA SER A 813 8.38 12.31 19.34
C SER A 813 7.06 13.07 19.42
N ALA A 814 7.02 14.32 18.97
CA ALA A 814 5.81 15.13 19.05
C ALA A 814 5.91 16.24 18.01
N ASP A 815 4.96 17.17 18.06
CA ASP A 815 4.94 18.30 17.13
C ASP A 815 6.02 19.31 17.48
N GLU A 816 7.22 19.09 16.94
CA GLU A 816 8.34 19.97 17.21
C GLU A 816 7.98 21.43 16.99
N LEU A 817 7.22 21.72 15.93
CA LEU A 817 6.95 23.11 15.57
C LEU A 817 6.13 23.81 16.64
N LEU A 818 5.01 23.20 17.04
CA LEU A 818 4.16 23.81 18.06
C LEU A 818 4.91 23.98 19.37
N LEU A 819 5.67 22.97 19.79
CA LEU A 819 6.33 23.01 21.10
C LEU A 819 7.42 24.07 21.13
N THR A 820 8.23 24.18 20.08
CA THR A 820 9.27 25.20 20.05
C THR A 820 8.64 26.59 20.08
N GLU A 821 7.51 26.77 19.41
CA GLU A 821 6.79 28.04 19.46
C GLU A 821 6.29 28.32 20.87
N MET A 822 5.63 27.33 21.48
CA MET A 822 5.23 27.46 22.88
C MET A 822 6.42 27.83 23.75
N MET A 823 7.55 27.15 23.55
CA MET A 823 8.72 27.37 24.38
C MET A 823 9.27 28.79 24.20
N PHE A 824 9.33 29.26 22.95
CA PHE A 824 9.88 30.59 22.70
C PHE A 824 8.92 31.69 23.09
N ASN A 825 7.61 31.43 23.08
CA ASN A 825 6.64 32.42 23.51
C ASN A 825 6.61 32.62 25.02
N GLY A 826 7.36 31.82 25.76
CA GLY A 826 7.37 31.96 27.22
C GLY A 826 6.16 31.38 27.90
N LEU A 827 5.50 30.39 27.30
CA LEU A 827 4.34 29.79 27.91
C LEU A 827 4.73 28.93 29.12
N PHE A 828 5.74 28.07 28.95
CA PHE A 828 6.19 27.21 30.03
C PHE A 828 6.78 27.99 31.20
N ASN A 829 7.24 29.21 30.97
CA ASN A 829 8.03 29.92 31.97
C ASN A 829 7.24 30.13 33.26
N ASP A 830 5.93 30.35 33.16
CA ASP A 830 5.11 30.61 34.34
C ASP A 830 4.55 29.34 34.96
N LEU A 831 4.71 28.19 34.33
CA LEU A 831 4.10 26.95 34.79
C LEU A 831 5.00 26.23 35.77
N SER A 832 4.38 25.41 36.62
CA SER A 832 5.11 24.50 37.48
C SER A 832 5.43 23.21 36.72
N ALA A 833 6.41 22.48 37.22
CA ALA A 833 6.81 21.24 36.58
C ALA A 833 5.66 20.25 36.49
N GLU A 834 4.75 20.29 37.47
CA GLU A 834 3.66 19.32 37.49
C GLU A 834 2.61 19.65 36.43
N GLN A 835 2.31 20.93 36.22
CA GLN A 835 1.39 21.30 35.15
C GLN A 835 2.09 21.44 33.82
N ALA A 836 3.39 21.72 33.80
CA ALA A 836 4.16 21.66 32.57
C ALA A 836 4.11 20.27 31.98
N THR A 837 4.33 19.24 32.81
CA THR A 837 4.31 17.88 32.30
C THR A 837 2.90 17.44 31.92
N ALA A 838 1.90 17.88 32.69
CA ALA A 838 0.52 17.54 32.36
C ALA A 838 0.13 18.11 31.01
N LEU A 839 0.58 19.32 30.70
CA LEU A 839 0.27 19.92 29.41
C LEU A 839 0.87 19.09 28.28
N LEU A 840 2.12 18.66 28.43
CA LEU A 840 2.76 17.85 27.39
C LEU A 840 2.03 16.54 27.13
N SER A 841 1.24 16.06 28.09
CA SER A 841 0.48 14.84 27.86
C SER A 841 -0.41 14.96 26.63
N CYS A 842 -0.87 16.17 26.31
CA CYS A 842 -1.67 16.37 25.12
C CYS A 842 -0.89 16.06 23.85
N PHE A 843 0.43 16.07 23.92
CA PHE A 843 1.28 15.90 22.74
C PHE A 843 1.72 14.45 22.53
N VAL A 844 1.37 13.54 23.44
CA VAL A 844 1.78 12.15 23.32
C VAL A 844 0.58 11.24 23.53
N PHE A 845 -0.63 11.76 23.33
CA PHE A 845 -1.83 10.97 23.47
C PHE A 845 -2.56 10.88 22.14
N GLN A 846 -1.87 10.42 21.11
CA GLN A 846 -2.45 10.38 19.77
C GLN A 846 -3.67 9.46 19.74
N GLU A 847 -3.61 8.32 20.43
CA GLU A 847 -4.70 7.35 20.43
C GLU A 847 -5.74 7.77 21.46
N ASN A 848 -6.70 8.56 21.03
CA ASN A 848 -7.76 9.07 21.89
C ASN A 848 -9.11 8.78 21.25
N SER A 849 -10.01 8.18 22.02
CA SER A 849 -11.36 7.88 21.54
C SER A 849 -12.32 7.78 22.73
N SER A 850 -12.27 8.78 23.61
CA SER A 850 -13.10 8.78 24.81
C SER A 850 -13.61 10.20 25.06
N GLU A 851 -14.55 10.31 25.99
CA GLU A 851 -15.13 11.61 26.34
C GLU A 851 -14.21 12.33 27.32
N MET A 852 -14.13 13.65 27.16
CA MET A 852 -13.22 14.44 27.97
C MET A 852 -13.66 14.46 29.44
N PRO A 853 -12.74 14.79 30.35
CA PRO A 853 -13.12 14.92 31.76
C PRO A 853 -13.38 16.37 32.17
N LYS A 854 -13.84 16.57 33.40
CA LYS A 854 -13.96 17.91 33.95
C LYS A 854 -12.58 18.38 34.41
N LEU A 855 -12.13 19.51 33.87
CA LEU A 855 -10.78 20.00 34.11
C LEU A 855 -10.80 21.19 35.05
N THR A 856 -9.85 21.19 35.99
CA THR A 856 -9.72 22.30 36.93
C THR A 856 -9.11 23.51 36.22
N GLU A 857 -9.35 24.68 36.80
CA GLU A 857 -8.84 25.91 36.19
C GLU A 857 -7.32 25.90 36.10
N GLN A 858 -6.65 25.27 37.07
CA GLN A 858 -5.19 25.22 37.06
C GLN A 858 -4.66 24.50 35.83
N LEU A 859 -5.45 23.60 35.25
CA LEU A 859 -5.06 22.84 34.07
C LEU A 859 -5.59 23.44 32.77
N ALA A 860 -6.80 24.00 32.80
CA ALA A 860 -7.38 24.56 31.57
C ALA A 860 -6.65 25.82 31.15
N GLY A 861 -6.09 26.57 32.09
CA GLY A 861 -5.36 27.77 31.79
C GLY A 861 -4.30 27.54 30.73
N PRO A 862 -3.26 26.77 31.08
CA PRO A 862 -2.22 26.48 30.08
C PRO A 862 -2.75 25.80 28.84
N LEU A 863 -3.80 24.98 28.97
CA LEU A 863 -4.41 24.38 27.80
C LEU A 863 -4.94 25.44 26.85
N ARG A 864 -5.76 26.36 27.35
CA ARG A 864 -6.26 27.45 26.53
C ARG A 864 -5.10 28.25 25.94
N GLN A 865 -4.06 28.52 26.75
CA GLN A 865 -2.88 29.20 26.23
C GLN A 865 -2.25 28.38 25.11
N MET A 866 -2.14 27.07 25.29
CA MET A 866 -1.50 26.22 24.28
C MET A 866 -2.31 26.23 22.99
N GLN A 867 -3.63 26.12 23.10
CA GLN A 867 -4.48 26.10 21.91
C GLN A 867 -4.38 27.40 21.12
N GLU A 868 -4.05 28.51 21.77
CA GLU A 868 -3.86 29.77 21.06
C GLU A 868 -2.66 29.67 20.12
N CYS A 869 -1.53 29.16 20.62
CA CYS A 869 -0.38 28.96 19.76
C CYS A 869 -0.68 27.96 18.65
N ALA A 870 -1.57 27.00 18.90
CA ALA A 870 -1.93 26.05 17.87
C ALA A 870 -2.69 26.72 16.73
N LYS A 871 -3.63 27.61 17.06
CA LYS A 871 -4.31 28.36 16.02
C LYS A 871 -3.31 29.15 15.17
N ARG A 872 -2.33 29.76 15.81
CA ARG A 872 -1.34 30.55 15.07
C ARG A 872 -0.51 29.66 14.15
N ILE A 873 -0.22 28.44 14.59
CA ILE A 873 0.51 27.50 13.73
C ILE A 873 -0.32 27.15 12.50
N ALA A 874 -1.63 27.01 12.69
CA ALA A 874 -2.49 26.63 11.57
C ALA A 874 -2.66 27.79 10.59
N LYS A 875 -2.87 29.00 11.09
CA LYS A 875 -3.06 30.15 10.22
C LYS A 875 -1.85 30.36 9.32
N VAL A 876 -0.64 30.20 9.87
CA VAL A 876 0.57 30.41 9.08
C VAL A 876 0.75 29.28 8.07
N SER A 877 0.38 28.05 8.45
CA SER A 877 0.42 26.94 7.51
C SER A 877 -0.55 27.19 6.36
N ALA A 878 -1.80 27.53 6.68
CA ALA A 878 -2.76 27.90 5.64
C ALA A 878 -2.27 29.08 4.82
N GLU A 879 -1.75 30.11 5.50
CA GLU A 879 -1.17 31.24 4.77
C GLU A 879 -0.09 30.79 3.81
N ALA A 880 0.59 29.68 4.11
CA ALA A 880 1.52 29.06 3.18
C ALA A 880 0.83 28.12 2.22
N LYS A 881 -0.50 28.06 2.25
CA LYS A 881 -1.28 27.21 1.36
C LYS A 881 -0.97 25.73 1.60
N LEU A 882 -0.92 25.35 2.88
CA LEU A 882 -0.80 23.95 3.28
C LEU A 882 -2.17 23.40 3.63
N GLU A 883 -2.44 22.18 3.17
CA GLU A 883 -3.70 21.52 3.42
C GLU A 883 -3.81 21.20 4.91
N ILE A 884 -4.48 22.08 5.65
CA ILE A 884 -4.68 21.88 7.09
C ILE A 884 -6.03 22.46 7.47
N ASP A 885 -6.76 21.73 8.32
CA ASP A 885 -8.02 22.20 8.88
C ASP A 885 -7.76 22.67 10.30
N GLU A 886 -8.15 23.91 10.60
CA GLU A 886 -7.82 24.51 11.88
C GLU A 886 -8.47 23.76 13.03
N GLU A 887 -9.75 23.42 12.90
CA GLU A 887 -10.44 22.69 13.96
C GLU A 887 -9.82 21.31 14.16
N THR A 888 -9.30 20.70 13.10
CA THR A 888 -8.70 19.38 13.23
C THR A 888 -7.38 19.44 13.99
N TYR A 889 -6.59 20.49 13.74
CA TYR A 889 -5.27 20.59 14.38
C TYR A 889 -5.41 20.76 15.89
N LEU A 890 -6.30 21.65 16.33
CA LEU A 890 -6.44 21.90 17.76
C LEU A 890 -6.97 20.66 18.49
N SER A 891 -7.87 19.93 17.85
CA SER A 891 -8.48 18.76 18.48
C SER A 891 -7.61 17.52 18.41
N SER A 892 -6.48 17.57 17.71
CA SER A 892 -5.60 16.40 17.63
C SER A 892 -4.87 16.15 18.94
N PHE A 893 -4.68 17.18 19.75
CA PHE A 893 -3.98 17.06 21.03
C PHE A 893 -5.02 16.80 22.11
N LYS A 894 -5.24 15.52 22.41
CA LYS A 894 -6.28 15.13 23.35
C LYS A 894 -5.86 15.46 24.78
N PRO A 895 -6.60 16.29 25.52
CA PRO A 895 -6.20 16.64 26.89
C PRO A 895 -6.79 15.72 27.94
N HIS A 896 -7.25 14.54 27.52
CA HIS A 896 -8.05 13.69 28.40
C HIS A 896 -7.30 13.31 29.67
N LEU A 897 -5.98 13.19 29.61
CA LEU A 897 -5.19 12.75 30.74
C LEU A 897 -4.46 13.88 31.45
N MET A 898 -4.83 15.14 31.17
CA MET A 898 -4.27 16.26 31.93
C MET A 898 -4.44 16.01 33.43
N ASP A 899 -5.67 15.69 33.86
CA ASP A 899 -5.92 15.47 35.28
C ASP A 899 -5.22 14.23 35.79
N VAL A 900 -5.18 13.17 34.97
CA VAL A 900 -4.52 11.93 35.39
C VAL A 900 -3.03 12.16 35.58
N VAL A 901 -2.37 12.71 34.55
CA VAL A 901 -0.93 12.96 34.64
C VAL A 901 -0.64 13.90 35.80
N TYR A 902 -1.42 14.98 35.91
CA TYR A 902 -1.17 15.95 36.97
C TYR A 902 -1.21 15.29 38.35
N THR A 903 -2.18 14.40 38.59
CA THR A 903 -2.30 13.80 39.91
C THR A 903 -1.24 12.74 40.14
N TRP A 904 -0.77 12.07 39.08
CA TRP A 904 0.38 11.18 39.25
C TRP A 904 1.63 12.00 39.56
N ALA A 905 1.77 13.18 38.94
CA ALA A 905 2.90 14.04 39.21
C ALA A 905 2.96 14.46 40.67
N THR A 906 1.79 14.65 41.30
CA THR A 906 1.74 15.10 42.69
C THR A 906 2.08 14.00 43.68
N GLY A 907 2.07 12.74 43.25
CA GLY A 907 2.42 11.63 44.12
C GLY A 907 1.34 10.58 44.28
N ALA A 908 0.18 10.73 43.64
CA ALA A 908 -0.92 9.79 43.85
C ALA A 908 -0.51 8.38 43.42
N THR A 909 -1.03 7.40 44.15
CA THR A 909 -0.80 6.01 43.80
C THR A 909 -1.46 5.69 42.45
N PHE A 910 -0.92 4.68 41.77
CA PHE A 910 -1.51 4.27 40.50
C PHE A 910 -2.98 3.91 40.66
N ALA A 911 -3.32 3.23 41.75
CA ALA A 911 -4.72 2.89 42.00
C ALA A 911 -5.59 4.14 41.99
N HIS A 912 -5.11 5.24 42.56
CA HIS A 912 -5.93 6.44 42.69
C HIS A 912 -6.23 7.05 41.33
N ILE A 913 -5.26 7.04 40.42
CA ILE A 913 -5.45 7.73 39.14
C ILE A 913 -6.31 6.90 38.19
N CYS A 914 -6.35 5.58 38.36
CA CYS A 914 -7.18 4.74 37.49
C CYS A 914 -8.66 5.02 37.69
N LYS A 915 -9.07 5.35 38.92
CA LYS A 915 -10.47 5.68 39.17
C LYS A 915 -10.94 6.88 38.35
N MET A 916 -10.01 7.72 37.89
CA MET A 916 -10.37 8.99 37.28
C MET A 916 -10.87 8.85 35.85
N THR A 917 -10.43 7.82 35.14
CA THR A 917 -10.74 7.68 33.72
C THR A 917 -11.01 6.23 33.38
N ASP A 918 -11.92 6.03 32.43
CA ASP A 918 -12.26 4.69 31.94
C ASP A 918 -11.24 4.18 30.92
N VAL A 919 -10.26 4.98 30.53
CA VAL A 919 -9.23 4.52 29.60
C VAL A 919 -8.54 3.30 30.20
N PHE A 920 -8.32 2.28 29.37
CA PHE A 920 -7.66 1.07 29.84
C PHE A 920 -6.33 1.41 30.50
N GLU A 921 -6.03 0.69 31.58
CA GLU A 921 -4.92 1.08 32.45
C GLU A 921 -3.58 0.96 31.74
N GLY A 922 -3.46 0.05 30.76
CA GLY A 922 -2.21 -0.07 30.03
C GLY A 922 -1.95 1.12 29.13
N SER A 923 -3.01 1.64 28.50
CA SER A 923 -2.87 2.82 27.65
C SER A 923 -2.34 4.00 28.44
N ILE A 924 -2.59 4.04 29.75
CA ILE A 924 -2.07 5.12 30.58
C ILE A 924 -0.55 5.00 30.71
N ILE A 925 -0.06 3.78 30.92
CA ILE A 925 1.39 3.59 31.07
C ILE A 925 2.10 3.83 29.75
N ARG A 926 1.52 3.35 28.64
CA ARG A 926 2.11 3.61 27.34
C ARG A 926 2.25 5.10 27.09
N CYS A 927 1.28 5.89 27.55
CA CYS A 927 1.37 7.34 27.39
C CYS A 927 2.44 7.93 28.29
N MET A 928 2.46 7.51 29.56
CA MET A 928 3.47 8.03 30.49
C MET A 928 4.88 7.76 29.98
N ARG A 929 5.10 6.58 29.38
CA ARG A 929 6.42 6.27 28.83
C ARG A 929 6.77 7.21 27.68
N ARG A 930 5.80 7.51 26.82
CA ARG A 930 6.02 8.48 25.75
C ARG A 930 6.26 9.87 26.32
N LEU A 931 5.53 10.23 27.38
CA LEU A 931 5.71 11.54 27.98
C LEU A 931 7.11 11.69 28.59
N GLU A 932 7.58 10.66 29.30
CA GLU A 932 8.92 10.72 29.86
C GLU A 932 9.96 10.85 28.77
N GLU A 933 9.78 10.14 27.65
CA GLU A 933 10.71 10.28 26.53
C GLU A 933 10.63 11.67 25.93
N LEU A 934 9.42 12.23 25.83
CA LEU A 934 9.28 13.57 25.30
C LEU A 934 9.90 14.60 26.23
N LEU A 935 9.67 14.47 27.53
CA LEU A 935 10.31 15.36 28.49
C LEU A 935 11.82 15.36 28.32
N ARG A 936 12.41 14.17 28.21
CA ARG A 936 13.85 14.08 28.02
C ARG A 936 14.29 14.87 26.80
N GLN A 937 13.49 14.81 25.73
CA GLN A 937 13.78 15.60 24.54
C GLN A 937 13.68 17.08 24.85
N MET A 938 12.58 17.50 25.50
CA MET A 938 12.42 18.90 25.87
C MET A 938 13.63 19.42 26.61
N CYS A 939 14.21 18.62 27.49
CA CYS A 939 15.44 19.02 28.17
C CYS A 939 16.55 19.28 27.18
N GLN A 940 16.73 18.36 26.22
CA GLN A 940 17.75 18.57 25.19
C GLN A 940 17.46 19.80 24.36
N ALA A 941 16.18 20.11 24.16
CA ALA A 941 15.80 21.30 23.38
C ALA A 941 16.19 22.58 24.10
N ALA A 942 15.83 22.69 25.39
CA ALA A 942 16.23 23.85 26.17
C ALA A 942 17.74 23.94 26.31
N LYS A 943 18.42 22.79 26.40
CA LYS A 943 19.87 22.80 26.51
C LYS A 943 20.52 23.30 25.22
N ALA A 944 19.84 23.12 24.07
CA ALA A 944 20.41 23.56 22.80
C ALA A 944 20.65 25.06 22.77
N ILE A 945 19.82 25.82 23.50
CA ILE A 945 19.99 27.26 23.62
C ILE A 945 20.47 27.64 25.02
N GLY A 946 20.89 26.67 25.83
CA GLY A 946 21.39 26.96 27.15
C GLY A 946 20.35 27.43 28.15
N ASN A 947 19.07 27.29 27.83
CA ASN A 947 17.99 27.73 28.70
C ASN A 947 17.88 26.75 29.86
N THR A 948 18.75 26.93 30.86
CA THR A 948 18.86 25.96 31.94
C THR A 948 17.66 25.99 32.88
N GLU A 949 16.93 27.11 32.96
CA GLU A 949 15.78 27.15 33.84
C GLU A 949 14.65 26.26 33.34
N LEU A 950 14.45 26.20 32.02
CA LEU A 950 13.47 25.29 31.46
C LEU A 950 13.94 23.84 31.54
N GLU A 951 15.23 23.62 31.27
CA GLU A 951 15.78 22.28 31.40
C GLU A 951 15.55 21.74 32.81
N ASN A 952 15.70 22.60 33.82
CA ASN A 952 15.50 22.16 35.20
C ASN A 952 14.04 21.85 35.49
N LYS A 953 13.11 22.47 34.76
CA LYS A 953 11.69 22.23 34.99
C LYS A 953 11.25 20.90 34.42
N PHE A 954 11.65 20.61 33.18
CA PHE A 954 11.32 19.32 32.58
C PHE A 954 12.04 18.19 33.31
N ALA A 955 13.30 18.40 33.70
CA ALA A 955 14.00 17.41 34.50
C ALA A 955 13.20 17.08 35.76
N GLU A 956 12.66 18.10 36.42
CA GLU A 956 11.82 17.87 37.59
C GLU A 956 10.61 17.03 37.22
N GLY A 957 9.95 17.38 36.12
CA GLY A 957 8.79 16.60 35.68
C GLY A 957 9.11 15.13 35.52
N ILE A 958 10.30 14.83 34.99
CA ILE A 958 10.71 13.44 34.81
C ILE A 958 10.67 12.70 36.15
N THR A 959 11.35 13.24 37.15
CA THR A 959 11.43 12.55 38.44
C THR A 959 10.03 12.34 39.04
N LYS A 960 9.14 13.31 38.84
CA LYS A 960 7.82 13.22 39.45
C LYS A 960 7.01 12.04 38.91
N ILE A 961 7.27 11.63 37.67
CA ILE A 961 6.50 10.58 37.02
C ILE A 961 7.27 9.28 36.84
N LYS A 962 8.58 9.28 37.08
CA LYS A 962 9.41 8.09 36.85
C LYS A 962 9.54 7.33 38.16
N ARG A 963 8.56 6.48 38.44
CA ARG A 963 8.55 5.72 39.70
C ARG A 963 7.47 4.65 39.63
N ASP A 964 7.59 3.67 40.53
CA ASP A 964 6.60 2.62 40.74
C ASP A 964 6.35 1.88 39.42
N ILE A 965 5.15 1.31 39.26
CA ILE A 965 4.91 0.33 38.21
C ILE A 965 4.90 0.94 36.81
N VAL A 966 4.65 2.24 36.70
CA VAL A 966 4.62 2.87 35.38
C VAL A 966 5.93 2.61 34.64
N PHE A 967 7.05 2.69 35.37
CA PHE A 967 8.36 2.48 34.77
C PHE A 967 9.04 1.27 35.39
N ALA A 968 8.30 0.16 35.50
CA ALA A 968 8.88 -1.08 35.98
C ALA A 968 9.77 -1.69 34.89
N ALA A 969 10.97 -2.10 35.27
CA ALA A 969 11.91 -2.67 34.31
C ALA A 969 11.26 -3.85 33.58
N SER A 970 11.40 -3.86 32.26
CA SER A 970 10.87 -4.96 31.47
C SER A 970 11.47 -6.28 31.94
N LEU A 971 10.66 -7.34 31.90
CA LEU A 971 11.12 -8.64 32.34
C LEU A 971 12.20 -9.21 31.41
N TYR A 972 12.23 -8.76 30.15
CA TYR A 972 13.21 -9.24 29.20
C TYR A 972 14.56 -8.55 29.32
N LEU A 973 14.61 -7.40 30.01
CA LEU A 973 15.87 -6.68 30.17
C LEU A 973 16.56 -7.04 31.48
N GLY B 11 -34.24 -2.42 -61.98
CA GLY B 11 -33.85 -1.02 -61.89
C GLY B 11 -33.64 -0.55 -60.48
N TRP B 12 -33.84 0.75 -60.26
CA TRP B 12 -33.66 1.35 -58.95
C TRP B 12 -34.52 2.60 -58.85
N PHE B 13 -34.90 2.94 -57.63
CA PHE B 13 -35.64 4.17 -57.35
C PHE B 13 -35.03 4.86 -56.15
N ILE B 14 -35.39 6.12 -55.96
CA ILE B 14 -34.85 6.98 -54.92
C ILE B 14 -35.97 7.37 -53.97
N ASP B 15 -35.76 7.16 -52.68
CA ASP B 15 -36.78 7.41 -51.65
C ASP B 15 -36.14 8.21 -50.52
N LYS B 16 -36.55 9.47 -50.38
CA LYS B 16 -36.08 10.32 -49.29
C LYS B 16 -37.07 10.39 -48.14
N THR B 17 -38.20 9.66 -48.21
CA THR B 17 -39.23 9.69 -47.18
C THR B 17 -39.18 8.44 -46.33
N PRO B 18 -39.33 8.55 -45.00
CA PRO B 18 -39.31 7.36 -44.15
C PRO B 18 -40.68 6.77 -43.87
N SER B 19 -40.72 5.65 -43.15
CA SER B 19 -41.96 5.01 -42.75
C SER B 19 -42.25 5.33 -41.29
N VAL B 20 -43.43 4.91 -40.83
CA VAL B 20 -43.92 5.24 -39.50
C VAL B 20 -44.74 4.10 -38.94
N LYS B 21 -45.09 4.22 -37.66
CA LYS B 21 -45.96 3.29 -36.96
C LYS B 21 -46.85 4.10 -36.03
N LYS B 22 -48.10 3.67 -35.88
CA LYS B 22 -49.00 4.42 -35.01
C LYS B 22 -48.49 4.46 -33.57
N ASP B 23 -47.98 3.33 -33.08
CA ASP B 23 -47.43 3.13 -31.75
C ASP B 23 -48.57 2.92 -30.75
N SER B 24 -49.83 3.09 -31.15
CA SER B 24 -50.98 2.86 -30.30
C SER B 24 -51.88 1.76 -30.84
N PHE B 25 -51.50 1.15 -31.95
CA PHE B 25 -52.31 0.13 -32.60
C PHE B 25 -52.31 -1.15 -31.78
N PHE B 26 -53.43 -1.88 -31.85
CA PHE B 26 -53.61 -3.16 -31.19
C PHE B 26 -53.82 -4.21 -32.26
N LEU B 27 -52.82 -5.07 -32.47
CA LEU B 27 -52.80 -6.00 -33.59
C LEU B 27 -53.29 -7.38 -33.16
N ASP B 28 -54.37 -7.82 -33.77
CA ASP B 28 -54.87 -9.19 -33.68
C ASP B 28 -56.32 -9.27 -34.15
#